data_6KJF
#
_entry.id   6KJF
#
_cell.length_a   88.725
_cell.length_b   91.957
_cell.length_c   142.474
_cell.angle_alpha   90.000
_cell.angle_beta   90.000
_cell.angle_gamma   90.000
#
_symmetry.space_group_name_H-M   'P 21 21 21'
#
loop_
_entity.id
_entity.type
_entity.pdbx_description
1 polymer 'Pc15g00720 protein'
2 non-polymer TRIS-HYDROXYMETHYL-METHYL-AMMONIUM
3 non-polymer 'Simvastatin acid'
4 water water
#
_entity_poly.entity_id   1
_entity_poly.type   'polypeptide(L)'
_entity_poly.pdbx_seq_one_letter_code
;HMDTTFQAAIDTGKINGAVVCATDAQGHFVYNKATGERTLLSGEKQPQQLDDVLYLASATKLITTIAALQCVEDGLLSLD
GDLSSIAPELAAKYVLTGFTDDESPLDDPPARPITLKMLLTHSSGTSYHFLDPSIAKWRAQYANPENEKPRLVEEMFTYP
LSFQPGTGWMYGPGLDWAGRVVERVTGGTLMEFMQKRIFDPLGITDSQFYPVTREDLRARLVDLNPSDPGALGSAVIGGG
GEMNLRGRGAFGGHGLFLTGLDFVKILRSLLANDGMLLKPAAVDNMFQQHLGPEAAASHRAALASPLGPFFRVGTDPETK
VGYGLGGLLTLEDVDGWYGERTLTWGGGLTLTWFIDRKNNLCGVGAIQAVLPVDGDLMADLKQTFRHDIYRKYSAWKGQQ
;
_entity_poly.pdbx_strand_id   B,A
#
# COMPACT_ATOMS: atom_id res chain seq x y z
N HIS A 1 -28.21 -19.49 -13.11
CA HIS A 1 -28.31 -18.20 -13.78
C HIS A 1 -27.27 -17.26 -13.20
N MET A 2 -26.42 -17.80 -12.31
CA MET A 2 -25.12 -17.21 -12.05
C MET A 2 -24.32 -16.96 -13.33
N ASP A 3 -24.33 -17.92 -14.27
CA ASP A 3 -23.44 -17.81 -15.43
C ASP A 3 -23.79 -16.58 -16.28
N THR A 4 -25.04 -16.47 -16.73
CA THR A 4 -25.42 -15.33 -17.55
C THR A 4 -25.50 -14.04 -16.72
N THR A 5 -25.94 -14.11 -15.46
CA THR A 5 -26.05 -12.89 -14.66
C THR A 5 -24.68 -12.29 -14.37
N PHE A 6 -23.73 -13.13 -13.96
CA PHE A 6 -22.37 -12.65 -13.69
C PHE A 6 -21.72 -12.11 -14.95
N GLN A 7 -21.90 -12.81 -16.08
CA GLN A 7 -21.32 -12.36 -17.34
C GLN A 7 -21.86 -11.00 -17.75
N ALA A 8 -23.17 -10.80 -17.63
CA ALA A 8 -23.76 -9.48 -17.90
C ALA A 8 -23.10 -8.41 -17.05
N ALA A 9 -22.85 -8.70 -15.76
CA ALA A 9 -22.23 -7.70 -14.89
C ALA A 9 -20.78 -7.44 -15.28
N ILE A 10 -20.07 -8.46 -15.76
CA ILE A 10 -18.72 -8.24 -16.28
C ILE A 10 -18.79 -7.32 -17.51
N ASP A 11 -19.71 -7.62 -18.44
CA ASP A 11 -19.83 -6.85 -19.68
C ASP A 11 -20.10 -5.38 -19.41
N THR A 12 -20.96 -5.07 -18.44
CA THR A 12 -21.18 -3.67 -18.08
C THR A 12 -19.98 -3.02 -17.38
N GLY A 13 -18.93 -3.77 -17.08
CA GLY A 13 -17.80 -3.19 -16.39
C GLY A 13 -18.03 -2.91 -14.92
N LYS A 14 -19.07 -3.49 -14.31
CA LYS A 14 -19.33 -3.24 -12.89
C LYS A 14 -18.71 -4.28 -11.97
N ILE A 15 -18.38 -5.46 -12.48
CA ILE A 15 -17.56 -6.40 -11.72
C ILE A 15 -16.44 -6.91 -12.62
N ASN A 16 -15.37 -7.38 -11.99
CA ASN A 16 -14.30 -8.07 -12.71
C ASN A 16 -14.45 -9.58 -12.66
N GLY A 17 -15.07 -10.12 -11.61
CA GLY A 17 -15.22 -11.56 -11.52
C GLY A 17 -15.93 -11.97 -10.26
N ALA A 18 -15.79 -13.25 -9.91
CA ALA A 18 -16.47 -13.81 -8.75
C ALA A 18 -15.83 -15.15 -8.43
N VAL A 19 -15.91 -15.52 -7.15
CA VAL A 19 -15.50 -16.82 -6.67
C VAL A 19 -16.67 -17.40 -5.88
N VAL A 20 -17.06 -18.64 -6.21
CA VAL A 20 -18.18 -19.32 -5.58
C VAL A 20 -17.76 -20.75 -5.22
N CYS A 21 -17.92 -21.12 -3.95
CA CYS A 21 -17.60 -22.47 -3.47
C CYS A 21 -18.75 -22.96 -2.61
N ALA A 22 -19.30 -24.11 -2.98
CA ALA A 22 -20.40 -24.69 -2.25
C ALA A 22 -20.22 -26.20 -2.18
N THR A 23 -20.74 -26.81 -1.12
CA THR A 23 -20.58 -28.24 -0.92
C THR A 23 -21.64 -28.71 0.07
N ASP A 24 -21.98 -30.02 -0.02
CA ASP A 24 -22.73 -30.68 1.05
C ASP A 24 -21.74 -31.19 2.10
N ALA A 25 -22.25 -31.87 3.13
CA ALA A 25 -21.40 -32.23 4.27
C ALA A 25 -20.30 -33.24 3.88
N GLN A 26 -20.59 -34.17 2.97
CA GLN A 26 -19.66 -35.22 2.56
C GLN A 26 -18.88 -34.88 1.30
N GLY A 27 -19.11 -33.72 0.69
CA GLY A 27 -18.43 -33.47 -0.56
C GLY A 27 -18.91 -34.33 -1.71
N HIS A 28 -20.18 -34.75 -1.70
CA HIS A 28 -20.77 -35.41 -2.87
C HIS A 28 -21.16 -34.38 -3.91
N PHE A 29 -22.03 -33.45 -3.53
CA PHE A 29 -22.32 -32.30 -4.37
C PHE A 29 -21.30 -31.21 -4.04
N VAL A 30 -20.51 -30.82 -5.03
CA VAL A 30 -19.50 -29.78 -4.86
C VAL A 30 -19.63 -28.86 -6.06
N TYR A 31 -19.63 -27.56 -5.83
CA TYR A 31 -19.62 -26.60 -6.93
C TYR A 31 -18.62 -25.51 -6.62
N ASN A 32 -17.56 -25.46 -7.42
CA ASN A 32 -16.52 -24.45 -7.29
C ASN A 32 -16.37 -23.79 -8.64
N LYS A 33 -16.43 -22.47 -8.68
CA LYS A 33 -16.35 -21.76 -9.95
C LYS A 33 -15.73 -20.40 -9.70
N ALA A 34 -14.64 -20.12 -10.41
CA ALA A 34 -14.04 -18.80 -10.47
C ALA A 34 -14.39 -18.21 -11.83
N THR A 35 -14.83 -16.96 -11.83
CA THR A 35 -15.35 -16.33 -13.01
C THR A 35 -14.62 -15.01 -13.22
N GLY A 36 -14.29 -14.69 -14.46
CA GLY A 36 -13.74 -13.37 -14.74
C GLY A 36 -12.23 -13.24 -14.61
N GLU A 37 -11.77 -12.04 -14.24
CA GLU A 37 -10.36 -11.70 -14.19
C GLU A 37 -10.07 -10.87 -12.96
N ARG A 38 -8.80 -10.90 -12.56
CA ARG A 38 -8.21 -10.00 -11.58
C ARG A 38 -7.19 -9.11 -12.29
N THR A 39 -6.86 -7.99 -11.65
CA THR A 39 -5.84 -7.10 -12.15
C THR A 39 -4.71 -7.02 -11.14
N LEU A 40 -3.48 -7.18 -11.62
CA LEU A 40 -2.31 -7.08 -10.79
C LEU A 40 -1.89 -5.61 -10.68
N LEU A 41 -1.05 -5.33 -9.68
CA LEU A 41 -0.57 -3.97 -9.47
C LEU A 41 0.09 -3.41 -10.73
N SER A 42 0.73 -4.27 -11.53
CA SER A 42 1.35 -3.87 -12.79
C SER A 42 0.34 -3.50 -13.87
N GLY A 43 -0.94 -3.74 -13.66
CA GLY A 43 -1.93 -3.53 -14.70
C GLY A 43 -2.22 -4.76 -15.54
N GLU A 44 -1.42 -5.82 -15.44
CA GLU A 44 -1.65 -7.01 -16.25
C GLU A 44 -2.81 -7.82 -15.69
N LYS A 45 -3.61 -8.38 -16.58
CA LYS A 45 -4.79 -9.14 -16.21
C LYS A 45 -4.47 -10.63 -16.18
N GLN A 46 -5.20 -11.35 -15.33
CA GLN A 46 -5.03 -12.78 -15.07
C GLN A 46 -6.42 -13.33 -14.78
N PRO A 47 -6.73 -14.55 -15.24
CA PRO A 47 -8.06 -15.11 -14.94
C PRO A 47 -8.26 -15.31 -13.46
N GLN A 48 -9.48 -15.07 -13.01
CA GLN A 48 -9.84 -15.37 -11.63
C GLN A 48 -9.63 -16.86 -11.38
N GLN A 49 -9.05 -17.20 -10.23
CA GLN A 49 -8.74 -18.59 -9.88
C GLN A 49 -9.32 -18.89 -8.51
N LEU A 50 -9.57 -20.17 -8.26
CA LEU A 50 -10.19 -20.57 -7.00
C LEU A 50 -9.28 -20.36 -5.80
N ASP A 51 -7.96 -20.24 -6.02
CA ASP A 51 -7.07 -20.01 -4.90
C ASP A 51 -6.58 -18.57 -4.84
N ASP A 52 -7.26 -17.64 -5.51
CA ASP A 52 -7.06 -16.22 -5.27
C ASP A 52 -7.37 -15.88 -3.81
N VAL A 53 -6.60 -14.97 -3.25
CA VAL A 53 -6.78 -14.58 -1.86
C VAL A 53 -7.79 -13.44 -1.80
N LEU A 54 -8.86 -13.66 -1.06
CA LEU A 54 -9.97 -12.72 -1.04
C LEU A 54 -9.95 -11.91 0.25
N TYR A 55 -10.51 -10.72 0.20
CA TYR A 55 -10.78 -10.01 1.44
C TYR A 55 -12.11 -10.52 2.00
N LEU A 56 -12.07 -11.08 3.21
CA LEU A 56 -13.31 -11.63 3.80
C LEU A 56 -14.19 -10.56 4.43
N ALA A 57 -13.60 -9.45 4.90
CA ALA A 57 -14.36 -8.38 5.57
C ALA A 57 -15.18 -9.04 6.68
N SER A 58 -16.49 -8.77 6.81
CA SER A 58 -17.21 -9.35 7.94
C SER A 58 -17.42 -10.85 7.87
N ALA A 59 -17.01 -11.54 6.81
CA ALA A 59 -16.96 -12.99 6.92
C ALA A 59 -15.95 -13.43 7.97
N THR A 60 -15.01 -12.54 8.35
CA THR A 60 -14.13 -12.76 9.49
C THR A 60 -14.91 -13.08 10.76
N LYS A 61 -16.11 -12.50 10.91
CA LYS A 61 -16.83 -12.63 12.18
C LYS A 61 -17.12 -14.08 12.51
N LEU A 62 -17.51 -14.87 11.50
CA LEU A 62 -17.76 -16.28 11.75
C LEU A 62 -16.52 -16.97 12.33
N ILE A 63 -15.35 -16.70 11.74
CA ILE A 63 -14.10 -17.34 12.15
C ILE A 63 -13.71 -16.91 13.56
N THR A 64 -13.82 -15.61 13.84
CA THR A 64 -13.61 -15.12 15.21
C THR A 64 -14.63 -15.76 16.17
N THR A 65 -15.87 -15.94 15.69
CA THR A 65 -16.89 -16.61 16.51
C THR A 65 -16.44 -18.01 16.90
N ILE A 66 -15.93 -18.78 15.94
CA ILE A 66 -15.41 -20.12 16.24
C ILE A 66 -14.26 -20.03 17.25
N ALA A 67 -13.33 -19.10 17.01
CA ALA A 67 -12.19 -18.97 17.92
C ALA A 67 -12.68 -18.73 19.36
N ALA A 68 -13.69 -17.87 19.53
CA ALA A 68 -14.18 -17.61 20.88
C ALA A 68 -14.80 -18.84 21.50
N LEU A 69 -15.60 -19.57 20.72
CA LEU A 69 -16.19 -20.80 21.22
C LEU A 69 -15.13 -21.86 21.54
N GLN A 70 -13.99 -21.82 20.85
CA GLN A 70 -12.91 -22.75 21.21
C GLN A 70 -12.32 -22.41 22.57
N CYS A 71 -12.14 -21.13 22.85
CA CYS A 71 -11.75 -20.72 24.20
C CYS A 71 -12.77 -21.16 25.24
N VAL A 72 -14.06 -21.17 24.87
CA VAL A 72 -15.06 -21.69 25.81
C VAL A 72 -14.79 -23.17 26.07
N GLU A 73 -14.56 -23.95 25.01
CA GLU A 73 -14.21 -25.36 25.20
C GLU A 73 -12.99 -25.51 26.10
N ASP A 74 -12.00 -24.63 25.95
CA ASP A 74 -10.79 -24.71 26.77
C ASP A 74 -11.03 -24.34 28.22
N GLY A 75 -12.21 -23.83 28.57
CA GLY A 75 -12.38 -23.35 29.93
C GLY A 75 -11.82 -21.96 30.17
N LEU A 76 -11.36 -21.27 29.14
CA LEU A 76 -10.82 -19.93 29.28
C LEU A 76 -11.91 -18.87 29.28
N LEU A 77 -13.10 -19.19 28.79
CA LEU A 77 -14.21 -18.26 28.78
C LEU A 77 -15.49 -19.06 28.99
N SER A 78 -16.57 -18.35 29.31
CA SER A 78 -17.90 -18.92 29.26
C SER A 78 -18.78 -17.97 28.44
N LEU A 79 -19.86 -18.52 27.88
CA LEU A 79 -20.76 -17.73 27.05
C LEU A 79 -21.46 -16.65 27.85
N ASP A 80 -21.84 -16.95 29.09
CA ASP A 80 -22.63 -16.03 29.90
C ASP A 80 -21.82 -15.39 31.04
N GLY A 81 -20.52 -15.67 31.13
CA GLY A 81 -19.71 -15.11 32.19
C GLY A 81 -19.50 -13.60 32.05
N ASP A 82 -19.23 -12.99 33.21
CA ASP A 82 -18.91 -11.57 33.29
C ASP A 82 -17.56 -11.29 32.64
N LEU A 83 -17.53 -10.43 31.62
CA LEU A 83 -16.29 -10.08 30.95
C LEU A 83 -15.64 -8.83 31.53
N SER A 84 -16.20 -8.24 32.58
CA SER A 84 -15.75 -6.94 33.05
C SER A 84 -14.29 -6.95 33.48
N SER A 85 -13.79 -8.08 33.95
CA SER A 85 -12.40 -8.13 34.38
C SER A 85 -11.46 -8.20 33.19
N ILE A 86 -11.71 -9.13 32.26
CA ILE A 86 -10.83 -9.30 31.12
C ILE A 86 -10.87 -8.09 30.19
N ALA A 87 -12.01 -7.41 30.09
CA ALA A 87 -12.20 -6.29 29.18
C ALA A 87 -12.80 -5.12 29.94
N PRO A 88 -12.04 -4.50 30.85
CA PRO A 88 -12.60 -3.41 31.64
C PRO A 88 -13.10 -2.26 30.80
N GLU A 89 -12.59 -2.12 29.57
CA GLU A 89 -13.08 -1.05 28.70
C GLU A 89 -14.55 -1.23 28.37
N LEU A 90 -15.02 -2.48 28.31
CA LEU A 90 -16.44 -2.72 28.08
C LEU A 90 -17.25 -2.42 29.33
N ALA A 91 -16.77 -2.84 30.51
CA ALA A 91 -17.47 -2.56 31.76
C ALA A 91 -17.66 -1.07 31.97
N ALA A 92 -16.72 -0.25 31.51
CA ALA A 92 -16.77 1.18 31.78
C ALA A 92 -17.73 1.93 30.86
N LYS A 93 -18.27 1.27 29.85
CA LYS A 93 -19.15 1.95 28.92
C LYS A 93 -20.49 2.18 29.57
N TYR A 94 -21.06 3.36 29.35
CA TYR A 94 -22.40 3.66 29.79
C TYR A 94 -23.37 3.46 28.63
N VAL A 95 -24.66 3.45 28.96
CA VAL A 95 -25.73 3.20 28.00
C VAL A 95 -26.35 4.53 27.62
N LEU A 96 -26.20 4.92 26.36
CA LEU A 96 -26.83 6.12 25.82
C LEU A 96 -28.31 5.85 25.54
N THR A 97 -29.20 6.60 26.19
CA THR A 97 -30.63 6.39 25.98
C THR A 97 -31.25 7.39 25.01
N GLY A 98 -30.59 8.50 24.73
CA GLY A 98 -31.13 9.50 23.83
C GLY A 98 -30.56 10.86 24.18
N PHE A 99 -31.25 11.89 23.67
CA PHE A 99 -30.84 13.29 23.84
C PHE A 99 -32.01 14.13 24.33
N THR A 100 -31.68 15.18 25.09
CA THR A 100 -32.67 16.17 25.51
C THR A 100 -33.00 17.01 24.27
N ASP A 101 -33.83 18.03 24.44
CA ASP A 101 -34.00 18.90 23.28
C ASP A 101 -32.85 19.89 23.07
N ASP A 102 -32.24 20.40 24.15
CA ASP A 102 -31.02 21.19 23.86
C ASP A 102 -29.84 20.28 23.32
N GLU A 103 -30.19 19.02 23.04
CA GLU A 103 -29.31 18.02 22.40
C GLU A 103 -28.15 17.64 23.32
N SER A 104 -28.44 17.52 24.61
CA SER A 104 -27.43 16.97 25.50
C SER A 104 -27.68 15.48 25.73
N PRO A 105 -26.61 14.69 25.90
CA PRO A 105 -26.77 13.23 25.92
C PRO A 105 -27.23 12.71 27.28
N LEU A 106 -28.28 11.89 27.25
CA LEU A 106 -28.70 11.11 28.40
C LEU A 106 -28.02 9.75 28.37
N ASP A 107 -27.34 9.39 29.46
CA ASP A 107 -26.77 8.06 29.60
C ASP A 107 -27.18 7.50 30.96
N ASP A 108 -26.98 6.21 31.12
CA ASP A 108 -27.16 5.54 32.40
C ASP A 108 -26.03 4.55 32.58
N PRO A 109 -25.68 4.23 33.83
CA PRO A 109 -24.74 3.13 34.06
C PRO A 109 -25.29 1.85 33.47
N PRO A 110 -24.43 0.90 33.14
CA PRO A 110 -24.92 -0.40 32.67
C PRO A 110 -25.63 -1.17 33.78
N ALA A 111 -26.75 -1.81 33.42
CA ALA A 111 -27.52 -2.55 34.39
C ALA A 111 -26.91 -3.91 34.73
N ARG A 112 -26.06 -4.44 33.86
CA ARG A 112 -25.54 -5.79 34.03
C ARG A 112 -24.22 -5.89 33.29
N PRO A 113 -23.44 -6.93 33.54
CA PRO A 113 -22.20 -7.09 32.79
C PRO A 113 -22.41 -7.57 31.36
N ILE A 114 -21.47 -7.19 30.49
CA ILE A 114 -21.42 -7.66 29.12
C ILE A 114 -20.77 -9.04 29.09
N THR A 115 -21.34 -9.95 28.30
CA THR A 115 -20.86 -11.31 28.20
C THR A 115 -20.42 -11.60 26.77
N LEU A 116 -19.73 -12.74 26.63
CA LEU A 116 -19.30 -13.19 25.31
C LEU A 116 -20.50 -13.42 24.39
N LYS A 117 -21.56 -14.07 24.90
CA LYS A 117 -22.73 -14.31 24.07
C LYS A 117 -23.27 -13.01 23.49
N MET A 118 -23.29 -11.94 24.29
CA MET A 118 -23.73 -10.65 23.79
C MET A 118 -22.80 -10.11 22.70
N LEU A 119 -21.48 -10.32 22.86
CA LEU A 119 -20.56 -9.85 21.83
C LEU A 119 -20.78 -10.59 20.51
N LEU A 120 -20.94 -11.92 20.58
CA LEU A 120 -21.08 -12.76 19.41
C LEU A 120 -22.41 -12.58 18.69
N THR A 121 -23.44 -12.07 19.37
CA THR A 121 -24.77 -11.95 18.79
C THR A 121 -25.17 -10.50 18.56
N HIS A 122 -24.24 -9.56 18.74
CA HIS A 122 -24.49 -8.13 18.53
C HIS A 122 -25.60 -7.61 19.45
N SER A 123 -25.68 -8.17 20.66
CA SER A 123 -26.61 -7.71 21.68
C SER A 123 -25.89 -7.15 22.91
N SER A 124 -24.62 -6.76 22.76
CA SER A 124 -23.92 -6.18 23.90
C SER A 124 -24.25 -4.70 24.06
N GLY A 125 -24.66 -4.04 22.98
CA GLY A 125 -24.79 -2.61 22.95
C GLY A 125 -23.73 -1.91 22.13
N THR A 126 -22.62 -2.59 21.81
CA THR A 126 -21.61 -1.97 20.98
C THR A 126 -22.09 -1.93 19.54
N SER A 127 -22.19 -0.71 18.98
CA SER A 127 -22.81 -0.50 17.68
C SER A 127 -21.88 0.27 16.74
N TYR A 128 -21.91 -0.09 15.46
CA TYR A 128 -21.20 0.68 14.46
C TYR A 128 -21.80 2.08 14.34
N HIS A 129 -20.96 3.10 14.51
CA HIS A 129 -21.47 4.47 14.46
C HIS A 129 -22.10 4.78 13.11
N PHE A 130 -21.62 4.14 12.04
CA PHE A 130 -22.19 4.43 10.74
C PHE A 130 -23.53 3.75 10.51
N LEU A 131 -24.02 2.93 11.46
CA LEU A 131 -25.33 2.31 11.38
C LEU A 131 -26.29 2.78 12.47
N ASP A 132 -25.80 3.39 13.53
CA ASP A 132 -26.63 3.73 14.69
C ASP A 132 -26.68 5.24 14.81
N PRO A 133 -27.77 5.88 14.36
CA PRO A 133 -27.79 7.35 14.28
C PRO A 133 -27.56 8.01 15.63
N SER A 134 -28.10 7.43 16.71
CA SER A 134 -27.87 7.97 18.04
C SER A 134 -26.38 7.95 18.39
N ILE A 135 -25.69 6.84 18.10
CA ILE A 135 -24.25 6.77 18.31
C ILE A 135 -23.51 7.63 17.30
N ALA A 136 -24.05 7.80 16.09
CA ALA A 136 -23.42 8.69 15.12
C ALA A 136 -23.42 10.14 15.61
N LYS A 137 -24.51 10.54 16.29
CA LYS A 137 -24.64 11.89 16.81
C LYS A 137 -23.65 12.14 17.95
N TRP A 138 -23.48 11.14 18.83
CA TRP A 138 -22.56 11.27 19.96
C TRP A 138 -21.10 11.33 19.49
N ARG A 139 -20.75 10.48 18.53
CA ARG A 139 -19.39 10.48 17.98
C ARG A 139 -18.99 11.87 17.52
N ALA A 140 -19.91 12.59 16.88
CA ALA A 140 -19.63 13.88 16.25
C ALA A 140 -19.52 15.02 17.27
N GLN A 141 -20.39 15.06 18.28
CA GLN A 141 -20.24 16.09 19.31
C GLN A 141 -18.99 15.85 20.15
N TYR A 142 -18.84 14.65 20.72
CA TYR A 142 -17.65 14.25 21.46
C TYR A 142 -16.68 13.80 20.38
N ALA A 143 -16.32 14.71 19.49
CA ALA A 143 -15.30 14.46 18.49
C ALA A 143 -14.04 15.30 18.83
N ASN A 144 -13.03 15.38 17.97
CA ASN A 144 -12.78 14.49 16.83
C ASN A 144 -11.38 13.89 16.88
N PRO A 145 -11.27 12.57 16.57
CA PRO A 145 -9.94 12.00 16.33
C PRO A 145 -9.55 11.96 14.85
N GLU A 146 -9.10 13.10 14.34
CA GLU A 146 -8.23 13.04 13.16
C GLU A 146 -6.82 12.76 13.64
N ASN A 147 -6.71 11.91 14.67
CA ASN A 147 -5.41 11.45 15.14
C ASN A 147 -4.67 10.71 14.04
N GLU A 148 -5.38 9.86 13.29
CA GLU A 148 -4.80 9.02 12.23
C GLU A 148 -3.78 8.02 12.82
N LYS A 149 -3.48 8.13 14.11
CA LYS A 149 -2.57 7.19 14.73
C LYS A 149 -3.17 5.78 14.66
N PRO A 150 -2.39 4.74 14.27
CA PRO A 150 -2.96 3.38 14.27
C PRO A 150 -3.49 3.00 15.65
N ARG A 151 -4.77 2.61 15.69
CA ARG A 151 -5.46 2.32 16.93
C ARG A 151 -5.75 0.84 17.10
N LEU A 152 -5.52 0.33 18.30
CA LEU A 152 -6.00 -1.00 18.68
C LEU A 152 -7.52 -1.02 18.76
N VAL A 153 -8.08 -2.23 18.83
CA VAL A 153 -9.53 -2.39 18.94
C VAL A 153 -10.08 -1.47 20.02
N GLU A 154 -9.43 -1.47 21.20
CA GLU A 154 -9.99 -0.74 22.34
C GLU A 154 -9.81 0.76 22.20
N GLU A 155 -8.90 1.22 21.35
CA GLU A 155 -8.73 2.63 21.07
C GLU A 155 -9.60 3.10 19.92
N MET A 156 -10.16 2.16 19.18
CA MET A 156 -10.99 2.49 18.04
C MET A 156 -12.46 2.60 18.40
N PHE A 157 -12.93 1.72 19.30
CA PHE A 157 -14.36 1.58 19.60
C PHE A 157 -14.62 2.09 21.01
N THR A 158 -14.69 3.41 21.14
CA THR A 158 -14.71 4.05 22.43
C THR A 158 -16.07 4.66 22.78
N TYR A 159 -17.10 4.38 21.99
CA TYR A 159 -18.43 4.96 22.16
C TYR A 159 -19.23 4.26 23.27
N PRO A 160 -20.23 4.95 23.82
CA PRO A 160 -21.13 4.30 24.79
C PRO A 160 -21.96 3.21 24.13
N LEU A 161 -22.53 2.35 24.97
CA LEU A 161 -23.47 1.36 24.46
C LEU A 161 -24.72 2.04 23.95
N SER A 162 -25.41 1.38 23.01
CA SER A 162 -26.66 1.86 22.47
C SER A 162 -27.86 1.35 23.25
N PHE A 163 -27.66 0.49 24.22
CA PHE A 163 -28.83 0.01 24.93
C PHE A 163 -28.26 -0.85 26.03
N GLN A 164 -29.10 -1.17 27.00
CA GLN A 164 -28.62 -1.93 28.14
C GLN A 164 -28.18 -3.30 27.64
N PRO A 165 -27.00 -3.77 28.06
CA PRO A 165 -26.51 -5.09 27.66
C PRO A 165 -27.58 -6.18 27.69
N GLY A 166 -27.68 -6.93 26.59
CA GLY A 166 -28.63 -8.01 26.48
C GLY A 166 -30.02 -7.62 26.03
N THR A 167 -30.37 -6.33 25.97
CA THR A 167 -31.76 -5.93 25.76
C THR A 167 -32.02 -5.38 24.37
N GLY A 168 -31.04 -5.43 23.47
CA GLY A 168 -31.25 -4.90 22.13
C GLY A 168 -30.41 -5.66 21.13
N TRP A 169 -30.49 -5.22 19.88
CA TRP A 169 -29.65 -5.78 18.83
C TRP A 169 -29.20 -4.64 17.93
N MET A 170 -27.89 -4.54 17.70
CA MET A 170 -27.38 -3.68 16.64
C MET A 170 -26.00 -4.16 16.22
N TYR A 171 -25.84 -4.38 14.91
CA TYR A 171 -24.55 -4.71 14.30
C TYR A 171 -23.44 -3.80 14.79
N GLY A 172 -22.30 -4.39 15.15
CA GLY A 172 -21.19 -3.59 15.62
C GLY A 172 -19.92 -4.35 15.90
N PRO A 173 -19.04 -3.76 16.72
CA PRO A 173 -17.70 -4.35 16.91
C PRO A 173 -17.64 -5.46 17.95
N GLY A 174 -18.73 -6.16 18.22
CA GLY A 174 -18.67 -7.20 19.24
C GLY A 174 -17.60 -8.26 18.97
N LEU A 175 -17.34 -8.58 17.71
CA LEU A 175 -16.33 -9.58 17.40
C LEU A 175 -14.93 -9.01 17.41
N ASP A 176 -14.77 -7.71 17.21
CA ASP A 176 -13.49 -7.08 17.46
C ASP A 176 -13.18 -7.12 18.95
N TRP A 177 -14.20 -6.90 19.79
CA TRP A 177 -14.02 -7.06 21.23
C TRP A 177 -13.77 -8.52 21.59
N ALA A 178 -14.56 -9.44 21.03
CA ALA A 178 -14.36 -10.86 21.33
C ALA A 178 -12.97 -11.31 20.89
N GLY A 179 -12.52 -10.83 19.72
CA GLY A 179 -11.17 -11.15 19.28
C GLY A 179 -10.13 -10.69 20.27
N ARG A 180 -10.25 -9.45 20.76
CA ARG A 180 -9.34 -8.95 21.77
C ARG A 180 -9.43 -9.78 23.04
N VAL A 181 -10.63 -10.21 23.40
CA VAL A 181 -10.78 -11.05 24.58
C VAL A 181 -10.03 -12.36 24.38
N VAL A 182 -10.08 -12.90 23.16
CA VAL A 182 -9.36 -14.15 22.88
C VAL A 182 -7.86 -13.93 23.03
N GLU A 183 -7.34 -12.80 22.52
CA GLU A 183 -5.92 -12.49 22.68
C GLU A 183 -5.54 -12.37 24.15
N ARG A 184 -6.35 -11.64 24.93
CA ARG A 184 -6.01 -11.45 26.33
C ARG A 184 -6.01 -12.77 27.09
N VAL A 185 -7.02 -13.63 26.89
CA VAL A 185 -7.06 -14.85 27.70
C VAL A 185 -6.11 -15.93 27.21
N THR A 186 -5.60 -15.83 25.98
CA THR A 186 -4.63 -16.82 25.53
C THR A 186 -3.18 -16.35 25.65
N GLY A 187 -2.95 -15.05 25.77
CA GLY A 187 -1.59 -14.54 25.82
C GLY A 187 -0.87 -14.54 24.49
N GLY A 188 -1.60 -14.60 23.38
CA GLY A 188 -1.00 -14.56 22.06
C GLY A 188 -1.85 -13.74 21.11
N THR A 189 -1.39 -13.63 19.87
CA THR A 189 -2.19 -12.89 18.91
C THR A 189 -3.36 -13.75 18.43
N LEU A 190 -4.37 -13.06 17.88
CA LEU A 190 -5.52 -13.76 17.32
C LEU A 190 -5.12 -14.61 16.13
N MET A 191 -4.19 -14.11 15.31
CA MET A 191 -3.67 -14.91 14.20
C MET A 191 -3.02 -16.19 14.69
N GLU A 192 -2.22 -16.08 15.75
CA GLU A 192 -1.55 -17.25 16.30
C GLU A 192 -2.55 -18.30 16.71
N PHE A 193 -3.60 -17.88 17.44
CA PHE A 193 -4.60 -18.82 17.93
C PHE A 193 -5.34 -19.47 16.77
N MET A 194 -5.83 -18.67 15.82
CA MET A 194 -6.57 -19.20 14.68
C MET A 194 -5.71 -20.13 13.86
N GLN A 195 -4.46 -19.73 13.60
CA GLN A 195 -3.57 -20.60 12.85
C GLN A 195 -3.50 -21.96 13.52
N LYS A 196 -3.42 -21.97 14.84
CA LYS A 196 -3.18 -23.23 15.54
C LYS A 196 -4.46 -24.04 15.70
N ARG A 197 -5.61 -23.37 15.92
CA ARG A 197 -6.84 -24.05 16.28
C ARG A 197 -7.84 -24.19 15.14
N ILE A 198 -7.71 -23.38 14.08
CA ILE A 198 -8.67 -23.39 12.98
C ILE A 198 -8.00 -23.75 11.66
N PHE A 199 -6.90 -23.07 11.34
CA PHE A 199 -6.29 -23.24 10.02
C PHE A 199 -5.45 -24.52 9.95
N ASP A 200 -4.58 -24.76 10.95
CA ASP A 200 -3.78 -25.98 10.95
C ASP A 200 -4.64 -27.24 10.84
N PRO A 201 -5.67 -27.46 11.66
CA PRO A 201 -6.43 -28.71 11.51
C PRO A 201 -7.06 -28.87 10.15
N LEU A 202 -7.32 -27.78 9.43
CA LEU A 202 -7.93 -27.85 8.11
C LEU A 202 -6.90 -27.77 6.98
N GLY A 203 -5.61 -27.72 7.32
CA GLY A 203 -4.57 -27.61 6.31
C GLY A 203 -4.55 -26.26 5.62
N ILE A 204 -4.99 -25.22 6.30
CA ILE A 204 -4.99 -23.87 5.73
C ILE A 204 -3.69 -23.17 6.09
N THR A 205 -2.96 -22.68 5.07
CA THR A 205 -1.73 -21.94 5.31
C THR A 205 -1.71 -20.59 4.63
N ASP A 206 -2.77 -20.22 3.92
CA ASP A 206 -2.74 -19.02 3.08
C ASP A 206 -3.71 -17.97 3.62
N SER A 207 -3.49 -17.54 4.85
CA SER A 207 -4.40 -16.63 5.50
C SER A 207 -3.60 -15.63 6.33
N GLN A 208 -4.11 -14.40 6.40
CA GLN A 208 -3.46 -13.36 7.18
C GLN A 208 -4.48 -12.26 7.47
N PHE A 209 -4.34 -11.64 8.63
CA PHE A 209 -5.09 -10.43 8.92
C PHE A 209 -4.50 -9.24 8.17
N TYR A 210 -5.32 -8.22 7.98
CA TYR A 210 -4.78 -6.94 7.50
C TYR A 210 -3.81 -6.44 8.56
N PRO A 211 -2.63 -5.95 8.13
CA PRO A 211 -2.18 -5.84 6.74
C PRO A 211 -1.53 -7.12 6.25
N VAL A 212 -1.72 -7.44 4.97
CA VAL A 212 -1.14 -8.64 4.38
C VAL A 212 0.32 -8.34 4.03
N THR A 213 1.24 -8.97 4.77
CA THR A 213 2.64 -8.72 4.54
C THR A 213 3.30 -9.82 3.73
N ARG A 214 2.73 -11.02 3.74
CA ARG A 214 3.40 -12.14 3.09
C ARG A 214 3.40 -11.96 1.58
N GLU A 215 4.59 -12.13 1.00
CA GLU A 215 4.80 -11.89 -0.43
C GLU A 215 4.01 -12.87 -1.27
N ASP A 216 4.00 -14.15 -0.87
CA ASP A 216 3.26 -15.15 -1.62
C ASP A 216 1.78 -14.81 -1.60
N LEU A 217 1.27 -14.34 -0.47
CA LEU A 217 -0.14 -13.96 -0.45
C LEU A 217 -0.37 -12.69 -1.28
N ARG A 218 0.51 -11.69 -1.13
CA ARG A 218 0.29 -10.43 -1.86
C ARG A 218 0.23 -10.68 -3.35
N ALA A 219 1.01 -11.65 -3.85
CA ALA A 219 0.98 -11.94 -5.28
C ALA A 219 -0.36 -12.50 -5.74
N ARG A 220 -1.21 -12.97 -4.81
CA ARG A 220 -2.51 -13.53 -5.15
C ARG A 220 -3.68 -12.72 -4.61
N LEU A 221 -3.43 -11.53 -4.04
CA LEU A 221 -4.51 -10.68 -3.55
C LEU A 221 -5.30 -10.12 -4.72
N VAL A 222 -6.60 -10.43 -4.77
CA VAL A 222 -7.45 -9.76 -5.74
C VAL A 222 -7.44 -8.25 -5.50
N ASP A 223 -7.39 -7.84 -4.23
CA ASP A 223 -7.58 -6.45 -3.88
C ASP A 223 -6.29 -5.62 -3.89
N LEU A 224 -5.16 -6.21 -4.31
CA LEU A 224 -3.93 -5.47 -4.58
C LEU A 224 -3.92 -5.17 -6.07
N ASN A 225 -4.32 -3.96 -6.41
CA ASN A 225 -4.46 -3.66 -7.84
C ASN A 225 -4.38 -2.14 -8.04
N PRO A 226 -4.38 -1.63 -9.28
CA PRO A 226 -4.22 -0.18 -9.45
C PRO A 226 -5.29 0.64 -8.75
N SER A 227 -6.50 0.11 -8.60
CA SER A 227 -7.55 0.82 -7.88
C SER A 227 -7.38 0.75 -6.38
N ASP A 228 -6.54 -0.17 -5.88
CA ASP A 228 -6.39 -0.40 -4.44
C ASP A 228 -4.94 -0.76 -4.15
N PRO A 229 -4.00 0.15 -4.43
CA PRO A 229 -2.57 -0.16 -4.15
C PRO A 229 -2.29 -0.47 -2.70
N GLY A 230 -3.18 -0.10 -1.78
CA GLY A 230 -3.00 -0.45 -0.39
C GLY A 230 -3.49 -1.82 0.01
N ALA A 231 -4.13 -2.56 -0.90
CA ALA A 231 -4.81 -3.83 -0.56
C ALA A 231 -5.69 -3.66 0.67
N LEU A 232 -6.51 -2.61 0.65
CA LEU A 232 -7.38 -2.26 1.76
C LEU A 232 -8.70 -3.01 1.72
N GLY A 233 -9.05 -3.57 0.57
CA GLY A 233 -10.35 -4.19 0.38
C GLY A 233 -11.45 -3.25 -0.04
N SER A 234 -11.10 -2.08 -0.60
CA SER A 234 -12.10 -1.06 -0.96
C SER A 234 -13.25 -1.64 -1.77
N ALA A 235 -12.95 -2.53 -2.72
CA ALA A 235 -13.99 -3.02 -3.60
C ALA A 235 -15.03 -3.84 -2.82
N VAL A 236 -14.60 -4.52 -1.76
CA VAL A 236 -15.52 -5.38 -1.02
C VAL A 236 -16.44 -4.55 -0.12
N ILE A 237 -15.90 -3.54 0.56
CA ILE A 237 -16.71 -2.73 1.46
C ILE A 237 -17.31 -1.49 0.82
N GLY A 238 -16.93 -1.15 -0.41
CA GLY A 238 -17.61 -0.09 -1.14
C GLY A 238 -17.16 1.33 -0.88
N GLY A 239 -15.85 1.56 -0.81
CA GLY A 239 -15.34 2.91 -0.52
C GLY A 239 -14.53 2.85 0.76
N GLY A 240 -13.32 3.38 0.68
CA GLY A 240 -12.34 3.38 1.77
C GLY A 240 -11.02 2.70 1.44
N GLY A 241 -10.64 1.60 2.11
CA GLY A 241 -11.19 1.17 3.40
C GLY A 241 -10.54 1.79 4.65
N GLU A 242 -11.36 2.58 5.34
CA GLU A 242 -10.89 3.48 6.41
C GLU A 242 -10.45 2.72 7.66
N MET A 243 -11.27 1.77 8.11
CA MET A 243 -10.98 1.05 9.35
C MET A 243 -9.67 0.29 9.25
N ASN A 244 -9.42 -0.37 8.13
CA ASN A 244 -8.17 -1.11 7.96
C ASN A 244 -6.97 -0.17 8.06
N LEU A 245 -7.00 0.95 7.32
CA LEU A 245 -5.86 1.85 7.31
C LEU A 245 -5.54 2.36 8.72
N ARG A 246 -6.58 2.53 9.54
CA ARG A 246 -6.44 3.16 10.86
C ARG A 246 -6.23 2.17 12.00
N GLY A 247 -6.30 0.88 11.74
CA GLY A 247 -6.14 -0.09 12.79
C GLY A 247 -4.71 -0.53 13.03
N ARG A 248 -4.54 -1.14 14.20
CA ARG A 248 -3.29 -1.74 14.60
C ARG A 248 -3.63 -3.04 15.31
N GLY A 249 -2.95 -4.13 14.96
CA GLY A 249 -3.31 -5.44 15.44
C GLY A 249 -4.46 -6.03 14.65
N ALA A 250 -4.82 -7.26 15.01
CA ALA A 250 -5.87 -7.97 14.32
C ALA A 250 -7.24 -7.42 14.69
N PHE A 251 -8.14 -7.33 13.70
CA PHE A 251 -9.55 -6.94 13.92
C PHE A 251 -10.47 -8.11 13.61
N GLY A 252 -10.92 -8.80 14.67
CA GLY A 252 -11.75 -9.98 14.51
C GLY A 252 -13.10 -9.69 13.89
N GLY A 253 -13.47 -8.41 13.76
CA GLY A 253 -14.70 -8.03 13.09
C GLY A 253 -14.58 -8.14 11.58
N HIS A 254 -13.45 -7.76 10.99
CA HIS A 254 -13.42 -7.62 9.54
C HIS A 254 -12.08 -7.83 8.85
N GLY A 255 -11.04 -8.32 9.57
CA GLY A 255 -9.67 -8.21 9.10
C GLY A 255 -9.06 -9.32 8.24
N LEU A 256 -9.69 -10.48 8.09
CA LEU A 256 -9.02 -11.65 7.53
C LEU A 256 -9.03 -11.66 6.00
N PHE A 257 -7.97 -12.25 5.43
CA PHE A 257 -7.88 -12.59 4.02
C PHE A 257 -7.74 -14.11 3.90
N LEU A 258 -8.42 -14.70 2.91
CA LEU A 258 -8.60 -16.15 2.82
C LEU A 258 -9.05 -16.50 1.40
N THR A 259 -8.71 -17.72 0.92
CA THR A 259 -9.27 -18.16 -0.36
C THR A 259 -10.69 -18.67 -0.15
N GLY A 260 -11.50 -18.58 -1.20
CA GLY A 260 -12.81 -19.21 -1.16
C GLY A 260 -12.76 -20.68 -0.80
N LEU A 261 -11.76 -21.39 -1.33
CA LEU A 261 -11.62 -22.82 -1.07
C LEU A 261 -11.34 -23.08 0.40
N ASP A 262 -10.54 -22.21 1.03
CA ASP A 262 -10.24 -22.40 2.43
C ASP A 262 -11.40 -21.98 3.31
N PHE A 263 -12.16 -20.95 2.88
CA PHE A 263 -13.32 -20.54 3.67
C PHE A 263 -14.37 -21.64 3.70
N VAL A 264 -14.56 -22.35 2.58
CA VAL A 264 -15.61 -23.37 2.54
C VAL A 264 -15.22 -24.61 3.35
N LYS A 265 -13.91 -24.89 3.51
CA LYS A 265 -13.50 -25.93 4.45
C LYS A 265 -14.02 -25.66 5.86
N ILE A 266 -13.99 -24.39 6.29
CA ILE A 266 -14.51 -24.03 7.60
C ILE A 266 -16.03 -24.21 7.64
N LEU A 267 -16.72 -23.71 6.61
CA LEU A 267 -18.17 -23.90 6.53
C LEU A 267 -18.55 -25.38 6.59
N ARG A 268 -17.82 -26.22 5.85
CA ARG A 268 -18.17 -27.63 5.73
C ARG A 268 -17.94 -28.37 7.04
N SER A 269 -16.85 -28.04 7.74
CA SER A 269 -16.61 -28.66 9.04
C SER A 269 -17.75 -28.38 10.01
N LEU A 270 -18.29 -27.15 10.00
CA LEU A 270 -19.49 -26.86 10.78
C LEU A 270 -20.69 -27.63 10.25
N LEU A 271 -20.90 -27.61 8.92
CA LEU A 271 -22.04 -28.32 8.34
C LEU A 271 -21.99 -29.80 8.67
N ALA A 272 -20.83 -30.42 8.46
CA ALA A 272 -20.68 -31.83 8.74
C ALA A 272 -20.56 -32.13 10.24
N ASN A 273 -20.24 -31.11 11.04
CA ASN A 273 -20.11 -31.28 12.48
C ASN A 273 -19.13 -32.41 12.81
N ASP A 274 -17.94 -32.34 12.22
CA ASP A 274 -16.98 -33.43 12.26
C ASP A 274 -15.94 -33.31 13.37
N GLY A 275 -16.13 -32.38 14.31
CA GLY A 275 -15.25 -32.27 15.44
C GLY A 275 -13.88 -31.68 15.15
N MET A 276 -13.61 -31.25 13.91
CA MET A 276 -12.30 -30.66 13.64
C MET A 276 -12.12 -29.34 14.35
N LEU A 277 -13.19 -28.61 14.60
CA LEU A 277 -13.05 -27.29 15.19
C LEU A 277 -13.68 -27.20 16.56
N LEU A 278 -14.84 -27.82 16.74
CA LEU A 278 -15.58 -27.74 17.98
C LEU A 278 -16.27 -29.08 18.21
N LYS A 279 -16.58 -29.36 19.46
CA LYS A 279 -17.37 -30.54 19.79
C LYS A 279 -18.78 -30.37 19.19
N PRO A 280 -19.43 -31.47 18.80
CA PRO A 280 -20.73 -31.36 18.12
C PRO A 280 -21.80 -30.58 18.87
N ALA A 281 -21.88 -30.75 20.19
CA ALA A 281 -22.91 -30.04 20.93
C ALA A 281 -22.64 -28.53 20.94
N ALA A 282 -21.36 -28.14 20.95
CA ALA A 282 -21.05 -26.72 20.83
C ALA A 282 -21.44 -26.17 19.45
N VAL A 283 -21.23 -26.96 18.38
CA VAL A 283 -21.68 -26.52 17.06
C VAL A 283 -23.19 -26.38 17.02
N ASP A 284 -23.91 -27.41 17.50
CA ASP A 284 -25.37 -27.36 17.59
C ASP A 284 -25.83 -26.06 18.24
N ASN A 285 -25.17 -25.64 19.33
CA ASN A 285 -25.59 -24.44 20.03
C ASN A 285 -25.42 -23.16 19.21
N MET A 286 -24.59 -23.16 18.15
CA MET A 286 -24.48 -22.00 17.29
C MET A 286 -25.77 -21.75 16.51
N PHE A 287 -26.50 -22.82 16.20
CA PHE A 287 -27.68 -22.76 15.34
C PHE A 287 -28.97 -22.64 16.16
N GLN A 288 -28.95 -21.74 17.15
CA GLN A 288 -30.08 -21.50 18.04
C GLN A 288 -30.26 -19.99 18.19
N GLN A 289 -31.50 -19.58 18.44
CA GLN A 289 -31.78 -18.19 18.77
C GLN A 289 -31.14 -17.83 20.11
N HIS A 290 -30.28 -16.82 20.12
CA HIS A 290 -29.61 -16.42 21.35
C HIS A 290 -29.92 -14.98 21.71
N LEU A 291 -30.90 -14.36 21.08
CA LEU A 291 -31.45 -13.09 21.53
C LEU A 291 -32.59 -13.36 22.50
N GLY A 292 -32.58 -12.65 23.62
CA GLY A 292 -33.71 -12.67 24.52
C GLY A 292 -34.86 -11.87 23.98
N PRO A 293 -35.95 -11.81 24.76
CA PRO A 293 -37.19 -11.15 24.26
C PRO A 293 -36.99 -9.72 23.82
N GLU A 294 -36.40 -8.87 24.67
CA GLU A 294 -36.19 -7.47 24.28
C GLU A 294 -35.22 -7.37 23.11
N ALA A 295 -34.14 -8.16 23.14
CA ALA A 295 -33.15 -8.11 22.06
C ALA A 295 -33.75 -8.59 20.74
N ALA A 296 -34.58 -9.65 20.79
CA ALA A 296 -35.27 -10.15 19.60
C ALA A 296 -36.19 -9.10 19.01
N ALA A 297 -36.91 -8.36 19.86
CA ALA A 297 -37.76 -7.28 19.36
C ALA A 297 -36.93 -6.17 18.73
N SER A 298 -35.78 -5.86 19.34
CA SER A 298 -34.91 -4.84 18.77
C SER A 298 -34.40 -5.30 17.41
N HIS A 299 -33.94 -6.55 17.33
CA HIS A 299 -33.51 -7.14 16.07
C HIS A 299 -34.57 -6.97 14.97
N ARG A 300 -35.82 -7.32 15.26
CA ARG A 300 -36.88 -7.20 14.25
C ARG A 300 -37.14 -5.76 13.84
N ALA A 301 -37.00 -4.80 14.77
CA ALA A 301 -37.11 -3.40 14.38
C ALA A 301 -36.00 -3.00 13.42
N ALA A 302 -34.77 -3.46 13.68
CA ALA A 302 -33.67 -3.17 12.77
C ALA A 302 -33.91 -3.83 11.41
N LEU A 303 -34.45 -5.06 11.41
CA LEU A 303 -34.75 -5.75 10.16
C LEU A 303 -35.86 -5.06 9.37
N ALA A 304 -36.73 -4.31 10.04
CA ALA A 304 -37.78 -3.56 9.36
C ALA A 304 -37.35 -2.15 9.03
N SER A 305 -36.17 -1.74 9.50
CA SER A 305 -35.65 -0.39 9.29
C SER A 305 -35.10 -0.24 7.88
N PRO A 306 -34.71 0.97 7.47
CA PRO A 306 -34.12 1.14 6.13
C PRO A 306 -32.81 0.38 5.93
N LEU A 307 -32.12 0.01 7.01
CA LEU A 307 -30.95 -0.85 6.90
C LEU A 307 -31.32 -2.33 6.83
N GLY A 308 -32.61 -2.65 6.97
CA GLY A 308 -33.03 -4.04 7.05
C GLY A 308 -32.58 -4.94 5.92
N PRO A 309 -32.58 -4.48 4.67
CA PRO A 309 -32.08 -5.37 3.60
C PRO A 309 -30.67 -5.86 3.85
N PHE A 310 -29.80 -4.99 4.37
CA PHE A 310 -28.47 -5.48 4.71
C PHE A 310 -28.57 -6.52 5.81
N PHE A 311 -29.35 -6.21 6.86
CA PHE A 311 -29.47 -7.12 8.00
C PHE A 311 -30.18 -8.43 7.66
N ARG A 312 -31.00 -8.46 6.61
CA ARG A 312 -31.74 -9.67 6.28
C ARG A 312 -30.95 -10.65 5.42
N VAL A 313 -29.81 -10.21 4.85
CA VAL A 313 -28.89 -11.07 4.09
C VAL A 313 -29.66 -11.81 3.01
N GLY A 314 -30.58 -11.12 2.34
CA GLY A 314 -31.37 -11.71 1.29
C GLY A 314 -32.62 -12.47 1.71
N THR A 315 -32.83 -12.74 3.01
CA THR A 315 -34.04 -13.45 3.43
C THR A 315 -35.27 -12.54 3.29
N ASP A 316 -36.44 -13.16 3.11
CA ASP A 316 -37.67 -12.42 2.86
C ASP A 316 -38.21 -11.77 4.14
N PRO A 317 -38.84 -10.60 4.03
CA PRO A 317 -39.40 -9.95 5.24
C PRO A 317 -40.45 -10.77 5.97
N GLU A 318 -41.07 -11.76 5.32
CA GLU A 318 -42.04 -12.63 5.99
C GLU A 318 -41.40 -13.82 6.70
N THR A 319 -40.11 -14.03 6.52
CA THR A 319 -39.44 -15.17 7.14
C THR A 319 -39.03 -14.76 8.53
N LYS A 320 -39.47 -15.52 9.53
CA LYS A 320 -39.03 -15.24 10.90
C LYS A 320 -37.58 -15.66 11.06
N VAL A 321 -36.78 -14.77 11.66
CA VAL A 321 -35.34 -14.95 11.82
C VAL A 321 -34.90 -14.52 13.22
N GLY A 322 -33.86 -15.17 13.72
CA GLY A 322 -33.18 -14.75 14.92
C GLY A 322 -31.72 -14.46 14.67
N TYR A 323 -30.89 -14.44 15.71
CA TYR A 323 -29.45 -14.31 15.54
C TYR A 323 -28.76 -15.39 16.36
N GLY A 324 -27.97 -16.22 15.69
CA GLY A 324 -27.23 -17.29 16.34
C GLY A 324 -25.83 -16.84 16.70
N LEU A 325 -25.00 -17.82 17.05
CA LEU A 325 -23.58 -17.59 17.28
C LEU A 325 -22.89 -17.70 15.93
N GLY A 326 -22.73 -16.58 15.25
CA GLY A 326 -22.08 -16.59 13.94
C GLY A 326 -22.78 -15.84 12.82
N GLY A 327 -24.04 -15.49 13.00
CA GLY A 327 -24.77 -14.84 11.93
C GLY A 327 -26.28 -14.92 12.13
N LEU A 328 -26.99 -14.47 11.11
CA LEU A 328 -28.44 -14.54 11.10
C LEU A 328 -28.89 -16.00 11.07
N LEU A 329 -30.00 -16.28 11.76
CA LEU A 329 -30.51 -17.65 11.87
C LEU A 329 -31.97 -17.64 11.42
N THR A 330 -32.28 -18.42 10.37
CA THR A 330 -33.68 -18.54 9.97
C THR A 330 -34.42 -19.41 10.98
N LEU A 331 -35.69 -19.10 11.20
CA LEU A 331 -36.46 -19.84 12.19
C LEU A 331 -37.62 -20.61 11.58
N GLU A 332 -37.78 -20.58 10.26
CA GLU A 332 -38.75 -21.42 9.58
C GLU A 332 -38.19 -21.81 8.23
N ASP A 333 -38.71 -22.91 7.67
CA ASP A 333 -38.36 -23.32 6.31
C ASP A 333 -38.81 -22.29 5.28
N VAL A 334 -38.03 -22.17 4.21
CA VAL A 334 -38.46 -21.63 2.92
C VAL A 334 -38.28 -22.79 1.94
N ASP A 335 -39.39 -23.38 1.48
CA ASP A 335 -39.30 -24.55 0.62
C ASP A 335 -38.56 -24.21 -0.65
N GLY A 336 -37.63 -25.09 -1.04
CA GLY A 336 -36.77 -24.81 -2.17
C GLY A 336 -35.59 -23.90 -1.89
N TRP A 337 -35.44 -23.41 -0.67
CA TRP A 337 -34.32 -22.55 -0.33
C TRP A 337 -33.97 -22.88 1.11
N TYR A 338 -33.38 -21.92 1.83
CA TYR A 338 -32.84 -22.18 3.17
C TYR A 338 -33.84 -22.95 4.03
N GLY A 339 -33.37 -24.07 4.60
CA GLY A 339 -34.12 -24.73 5.67
C GLY A 339 -34.06 -23.95 6.97
N GLU A 340 -35.00 -24.26 7.87
CA GLU A 340 -35.00 -23.59 9.17
C GLU A 340 -33.68 -23.80 9.87
N ARG A 341 -33.25 -22.79 10.64
CA ARG A 341 -31.95 -22.81 11.32
C ARG A 341 -30.78 -22.81 10.34
N THR A 342 -30.96 -22.22 9.17
CA THR A 342 -29.79 -21.87 8.36
C THR A 342 -29.09 -20.66 8.98
N LEU A 343 -27.79 -20.77 9.17
CA LEU A 343 -26.98 -19.64 9.60
C LEU A 343 -26.38 -18.96 8.38
N THR A 344 -26.43 -17.63 8.35
CA THR A 344 -25.96 -16.89 7.19
C THR A 344 -25.45 -15.51 7.59
N TRP A 345 -24.42 -15.06 6.88
CA TRP A 345 -23.97 -13.67 6.99
C TRP A 345 -23.16 -13.35 5.73
N GLY A 346 -22.25 -12.40 5.84
CA GLY A 346 -21.47 -12.02 4.68
C GLY A 346 -20.39 -11.01 5.03
N GLY A 347 -19.81 -10.43 3.99
CA GLY A 347 -18.83 -9.38 4.15
C GLY A 347 -19.01 -8.27 3.14
N GLY A 348 -18.81 -7.02 3.59
CA GLY A 348 -19.00 -5.86 2.77
C GLY A 348 -20.34 -5.89 2.06
N LEU A 349 -20.35 -5.44 0.81
CA LEU A 349 -21.52 -5.53 -0.02
C LEU A 349 -21.45 -6.68 -1.01
N THR A 350 -20.33 -7.39 -1.10
CA THR A 350 -20.05 -8.25 -2.23
C THR A 350 -19.97 -9.74 -1.88
N LEU A 351 -19.93 -10.09 -0.60
CA LEU A 351 -19.68 -11.46 -0.20
C LEU A 351 -20.79 -11.93 0.72
N THR A 352 -21.25 -13.17 0.53
CA THR A 352 -22.23 -13.74 1.42
C THR A 352 -21.98 -15.24 1.56
N TRP A 353 -22.41 -15.80 2.69
CA TRP A 353 -22.23 -17.23 2.95
C TRP A 353 -23.42 -17.74 3.75
N PHE A 354 -23.66 -19.06 3.65
CA PHE A 354 -24.74 -19.69 4.42
C PHE A 354 -24.33 -21.11 4.80
N ILE A 355 -24.91 -21.62 5.89
CA ILE A 355 -24.75 -23.02 6.30
C ILE A 355 -26.15 -23.55 6.61
N ASP A 356 -26.68 -24.39 5.72
CA ASP A 356 -28.04 -24.93 5.82
C ASP A 356 -27.93 -26.39 6.24
N ARG A 357 -28.00 -26.65 7.55
CA ARG A 357 -27.88 -28.01 8.07
C ARG A 357 -29.08 -28.86 7.69
N LYS A 358 -30.29 -28.30 7.73
CA LYS A 358 -31.47 -29.11 7.44
C LYS A 358 -31.43 -29.65 6.02
N ASN A 359 -31.04 -28.83 5.05
CA ASN A 359 -30.99 -29.28 3.66
C ASN A 359 -29.59 -29.77 3.25
N ASN A 360 -28.61 -29.72 4.17
CA ASN A 360 -27.26 -30.23 3.93
C ASN A 360 -26.57 -29.51 2.77
N LEU A 361 -26.34 -28.21 2.96
CA LEU A 361 -25.64 -27.43 1.95
C LEU A 361 -25.03 -26.21 2.63
N CYS A 362 -23.83 -25.86 2.20
CA CYS A 362 -23.20 -24.62 2.61
C CYS A 362 -22.47 -24.04 1.40
N GLY A 363 -22.12 -22.77 1.49
CA GLY A 363 -21.42 -22.14 0.39
C GLY A 363 -21.10 -20.69 0.70
N VAL A 364 -20.13 -20.18 -0.03
CA VAL A 364 -19.79 -18.75 -0.03
C VAL A 364 -19.80 -18.27 -1.48
N GLY A 365 -20.33 -17.08 -1.69
CA GLY A 365 -20.28 -16.48 -3.00
C GLY A 365 -19.69 -15.09 -2.83
N ALA A 366 -18.62 -14.77 -3.54
CA ALA A 366 -17.87 -13.55 -3.29
C ALA A 366 -17.63 -12.79 -4.59
N ILE A 367 -18.47 -11.78 -4.87
CA ILE A 367 -18.28 -10.94 -6.05
C ILE A 367 -17.02 -10.09 -5.89
N GLN A 368 -16.24 -9.97 -6.97
CA GLN A 368 -15.08 -9.07 -7.04
C GLN A 368 -15.50 -7.87 -7.88
N ALA A 369 -15.82 -6.76 -7.21
CA ALA A 369 -16.49 -5.66 -7.87
C ALA A 369 -15.49 -4.61 -8.39
N VAL A 370 -16.02 -3.67 -9.18
CA VAL A 370 -15.25 -2.58 -9.75
C VAL A 370 -15.70 -1.31 -9.07
N LEU A 371 -14.76 -0.57 -8.48
CA LEU A 371 -15.10 0.75 -7.93
C LEU A 371 -15.53 1.70 -9.05
N PRO A 372 -16.58 2.50 -8.82
CA PRO A 372 -17.37 2.54 -7.58
C PRO A 372 -18.41 1.41 -7.55
N VAL A 373 -18.63 0.84 -6.37
CA VAL A 373 -19.41 -0.38 -6.26
C VAL A 373 -20.90 -0.03 -6.36
N ASP A 374 -21.56 -0.61 -7.35
CA ASP A 374 -23.01 -0.49 -7.50
C ASP A 374 -23.68 -1.39 -6.46
N GLY A 375 -24.20 -0.78 -5.40
CA GLY A 375 -24.75 -1.54 -4.30
C GLY A 375 -25.99 -2.33 -4.66
N ASP A 376 -26.88 -1.76 -5.46
CA ASP A 376 -28.09 -2.47 -5.87
C ASP A 376 -27.75 -3.67 -6.74
N LEU A 377 -26.73 -3.54 -7.59
CA LEU A 377 -26.31 -4.68 -8.39
C LEU A 377 -25.71 -5.78 -7.53
N MET A 378 -24.93 -5.44 -6.50
CA MET A 378 -24.36 -6.47 -5.63
C MET A 378 -25.47 -7.28 -4.96
N ALA A 379 -26.49 -6.59 -4.45
CA ALA A 379 -27.59 -7.30 -3.81
C ALA A 379 -28.17 -8.33 -4.76
N ASP A 380 -28.40 -7.92 -6.02
CA ASP A 380 -28.95 -8.82 -7.02
C ASP A 380 -28.00 -9.98 -7.32
N LEU A 381 -26.71 -9.69 -7.49
CA LEU A 381 -25.74 -10.74 -7.75
C LEU A 381 -25.67 -11.74 -6.59
N LYS A 382 -25.65 -11.25 -5.36
CA LYS A 382 -25.61 -12.17 -4.22
C LYS A 382 -26.88 -13.01 -4.18
N GLN A 383 -28.04 -12.41 -4.49
CA GLN A 383 -29.30 -13.16 -4.47
C GLN A 383 -29.30 -14.23 -5.54
N THR A 384 -28.74 -13.92 -6.71
CA THR A 384 -28.64 -14.91 -7.78
C THR A 384 -27.84 -16.12 -7.29
N PHE A 385 -26.70 -15.87 -6.65
CA PHE A 385 -25.93 -16.97 -6.10
C PHE A 385 -26.72 -17.75 -5.07
N ARG A 386 -27.36 -17.05 -4.13
CA ARG A 386 -28.03 -17.74 -3.02
C ARG A 386 -29.14 -18.66 -3.52
N HIS A 387 -29.78 -18.31 -4.64
CA HIS A 387 -30.85 -19.14 -5.17
C HIS A 387 -30.38 -20.10 -6.25
N ASP A 388 -29.48 -19.68 -7.13
CA ASP A 388 -28.99 -20.59 -8.19
C ASP A 388 -28.23 -21.78 -7.60
N ILE A 389 -27.53 -21.58 -6.48
CA ILE A 389 -26.84 -22.71 -5.88
C ILE A 389 -27.83 -23.77 -5.40
N TYR A 390 -29.03 -23.36 -4.92
CA TYR A 390 -30.03 -24.36 -4.58
C TYR A 390 -30.59 -25.02 -5.82
N ARG A 391 -30.71 -24.26 -6.92
CA ARG A 391 -31.16 -24.86 -8.17
C ARG A 391 -30.17 -25.91 -8.64
N LYS A 392 -28.90 -25.58 -8.62
CA LYS A 392 -27.88 -26.54 -8.98
C LYS A 392 -27.90 -27.76 -8.06
N TYR A 393 -28.12 -27.54 -6.76
CA TYR A 393 -28.16 -28.66 -5.82
C TYR A 393 -29.33 -29.59 -6.12
N SER A 394 -30.52 -29.04 -6.40
CA SER A 394 -31.68 -29.86 -6.76
C SER A 394 -31.43 -30.66 -8.03
N ALA A 395 -30.90 -30.00 -9.07
CA ALA A 395 -30.62 -30.71 -10.32
C ALA A 395 -29.72 -31.90 -10.06
N TRP A 396 -28.69 -31.73 -9.24
CA TRP A 396 -27.79 -32.83 -8.92
C TRP A 396 -28.51 -33.94 -8.16
N LYS A 397 -29.24 -33.59 -7.09
CA LYS A 397 -29.99 -34.61 -6.36
C LYS A 397 -30.89 -35.39 -7.33
N GLY A 398 -31.52 -34.68 -8.28
CA GLY A 398 -32.40 -35.33 -9.25
C GLY A 398 -31.70 -36.29 -10.18
N GLN A 399 -30.42 -36.04 -10.47
CA GLN A 399 -29.65 -36.89 -11.36
C GLN A 399 -29.13 -38.16 -10.69
N GLN A 400 -29.30 -38.34 -9.37
CA GLN A 400 -28.83 -39.57 -8.71
C GLN A 400 -29.88 -40.67 -8.73
N HIS B 1 27.05 19.40 13.79
CA HIS B 1 25.84 20.09 14.18
C HIS B 1 24.66 19.47 13.48
N MET B 2 24.93 18.40 12.73
CA MET B 2 23.87 17.45 12.40
C MET B 2 23.18 16.95 13.67
N ASP B 3 23.94 16.66 14.73
CA ASP B 3 23.36 16.03 15.91
C ASP B 3 22.27 16.91 16.53
N THR B 4 22.60 18.14 16.90
CA THR B 4 21.57 18.97 17.52
C THR B 4 20.54 19.41 16.49
N THR B 5 20.96 19.70 15.25
CA THR B 5 20.02 20.15 14.24
C THR B 5 19.02 19.06 13.87
N PHE B 6 19.51 17.83 13.68
CA PHE B 6 18.58 16.73 13.38
C PHE B 6 17.64 16.48 14.55
N GLN B 7 18.14 16.56 15.79
CA GLN B 7 17.29 16.33 16.95
C GLN B 7 16.19 17.39 17.05
N ALA B 8 16.53 18.65 16.81
CA ALA B 8 15.53 19.71 16.80
C ALA B 8 14.39 19.40 15.84
N ALA B 9 14.74 18.94 14.63
CA ALA B 9 13.73 18.64 13.62
C ALA B 9 12.85 17.45 14.03
N ILE B 10 13.44 16.45 14.69
CA ILE B 10 12.67 15.33 15.23
C ILE B 10 11.72 15.81 16.32
N ASP B 11 12.24 16.61 17.27
CA ASP B 11 11.43 17.05 18.40
C ASP B 11 10.19 17.80 17.92
N THR B 12 10.32 18.66 16.91
CA THR B 12 9.19 19.37 16.31
C THR B 12 8.24 18.46 15.52
N GLY B 13 8.52 17.16 15.39
CA GLY B 13 7.64 16.30 14.65
C GLY B 13 7.68 16.43 13.14
N LYS B 14 8.68 17.12 12.59
CA LYS B 14 8.74 17.34 11.13
C LYS B 14 9.57 16.30 10.39
N ILE B 15 10.47 15.58 11.08
CA ILE B 15 11.12 14.41 10.54
C ILE B 15 11.02 13.29 11.58
N ASN B 16 11.16 12.05 11.11
CA ASN B 16 11.29 10.90 12.00
C ASN B 16 12.72 10.48 12.24
N GLY B 17 13.60 10.68 11.25
CA GLY B 17 14.99 10.29 11.42
C GLY B 17 15.82 10.64 10.20
N ALA B 18 16.99 10.02 10.10
CA ALA B 18 17.91 10.31 9.00
C ALA B 18 18.96 9.22 8.93
N VAL B 19 19.49 9.00 7.72
CA VAL B 19 20.62 8.11 7.47
C VAL B 19 21.69 8.92 6.75
N VAL B 20 22.91 8.87 7.28
CA VAL B 20 24.06 9.56 6.72
C VAL B 20 25.21 8.57 6.65
N CYS B 21 25.78 8.43 5.45
CA CYS B 21 26.95 7.58 5.21
C CYS B 21 27.96 8.37 4.39
N ALA B 22 29.17 8.50 4.92
CA ALA B 22 30.23 9.23 4.26
C ALA B 22 31.55 8.49 4.45
N THR B 23 32.45 8.68 3.50
CA THR B 23 33.74 8.00 3.58
C THR B 23 34.72 8.70 2.64
N ASP B 24 36.02 8.55 2.95
CA ASP B 24 37.03 8.82 1.95
C ASP B 24 37.23 7.56 1.10
N ALA B 25 38.19 7.65 0.15
CA ALA B 25 38.35 6.57 -0.83
C ALA B 25 38.82 5.26 -0.20
N GLN B 26 39.67 5.34 0.81
CA GLN B 26 40.30 4.15 1.37
C GLN B 26 39.54 3.60 2.58
N GLY B 27 38.48 4.26 3.03
CA GLY B 27 37.83 3.86 4.26
C GLY B 27 38.65 4.14 5.49
N HIS B 28 39.53 5.14 5.46
CA HIS B 28 40.22 5.59 6.66
C HIS B 28 39.29 6.47 7.50
N PHE B 29 38.78 7.55 6.90
CA PHE B 29 37.71 8.32 7.52
C PHE B 29 36.35 7.78 7.08
N VAL B 30 35.54 7.32 8.06
CA VAL B 30 34.21 6.81 7.81
C VAL B 30 33.25 7.42 8.82
N TYR B 31 32.07 7.83 8.36
CA TYR B 31 31.03 8.30 9.27
C TYR B 31 29.69 7.73 8.81
N ASN B 32 29.12 6.85 9.62
CA ASN B 32 27.82 6.25 9.40
C ASN B 32 26.96 6.49 10.63
N LYS B 33 25.77 7.05 10.45
CA LYS B 33 24.92 7.38 11.58
C LYS B 33 23.47 7.33 11.14
N ALA B 34 22.68 6.49 11.80
CA ALA B 34 21.23 6.51 11.66
C ALA B 34 20.67 7.13 12.93
N THR B 35 19.72 8.03 12.77
CA THR B 35 19.15 8.84 13.83
C THR B 35 17.63 8.70 13.82
N GLY B 36 17.01 8.68 15.00
CA GLY B 36 15.56 8.71 15.07
C GLY B 36 14.83 7.38 14.98
N GLU B 37 13.60 7.36 14.43
CA GLU B 37 12.77 6.15 14.38
C GLU B 37 12.03 6.06 13.05
N ARG B 38 11.67 4.81 12.70
CA ARG B 38 10.73 4.46 11.64
C ARG B 38 9.47 3.84 12.23
N THR B 39 8.40 3.85 11.44
CA THR B 39 7.15 3.20 11.80
C THR B 39 6.81 2.14 10.77
N LEU B 40 6.47 0.94 11.23
CA LEU B 40 6.10 -0.11 10.30
C LEU B 40 4.62 -0.02 9.94
N LEU B 41 4.25 -0.70 8.84
CA LEU B 41 2.85 -0.71 8.39
C LEU B 41 1.92 -1.19 9.51
N SER B 42 2.39 -2.12 10.35
CA SER B 42 1.66 -2.66 11.49
C SER B 42 1.47 -1.66 12.64
N GLY B 43 2.04 -0.46 12.55
CA GLY B 43 1.99 0.50 13.63
C GLY B 43 3.14 0.42 14.60
N GLU B 44 3.95 -0.63 14.53
CA GLU B 44 5.06 -0.77 15.46
C GLU B 44 6.21 0.16 15.09
N LYS B 45 6.77 0.81 16.11
CA LYS B 45 7.89 1.72 15.94
C LYS B 45 9.21 0.99 16.18
N GLN B 46 10.26 1.46 15.50
CA GLN B 46 11.54 0.81 15.53
C GLN B 46 12.63 1.85 15.33
N PRO B 47 13.78 1.73 15.99
CA PRO B 47 14.85 2.72 15.78
C PRO B 47 15.36 2.69 14.34
N GLN B 48 15.69 3.88 13.83
CA GLN B 48 16.31 3.97 12.50
C GLN B 48 17.65 3.25 12.52
N GLN B 49 17.90 2.47 11.47
CA GLN B 49 19.14 1.73 11.37
C GLN B 49 19.76 1.94 10.00
N LEU B 50 21.07 1.72 9.93
CA LEU B 50 21.82 1.96 8.70
C LEU B 50 21.42 1.02 7.57
N ASP B 51 20.81 -0.13 7.84
CA ASP B 51 20.37 -0.99 6.76
C ASP B 51 18.86 -0.91 6.52
N ASP B 52 18.22 0.16 7.01
CA ASP B 52 16.86 0.43 6.55
C ASP B 52 16.89 0.65 5.04
N VAL B 53 15.85 0.17 4.35
CA VAL B 53 15.81 0.29 2.89
C VAL B 53 15.15 1.63 2.57
N LEU B 54 15.88 2.48 1.84
CA LEU B 54 15.47 3.84 1.56
C LEU B 54 14.91 3.97 0.16
N TYR B 55 14.04 4.96 -0.04
CA TYR B 55 13.67 5.36 -1.39
C TYR B 55 14.72 6.34 -1.92
N LEU B 56 15.40 5.98 -3.00
CA LEU B 56 16.44 6.87 -3.54
C LEU B 56 15.84 8.00 -4.36
N ALA B 57 14.66 7.79 -4.95
CA ALA B 57 14.09 8.79 -5.83
C ALA B 57 15.16 9.09 -6.88
N SER B 58 15.38 10.35 -7.26
CA SER B 58 16.35 10.50 -8.35
C SER B 58 17.80 10.35 -7.93
N ALA B 59 18.11 9.95 -6.71
CA ALA B 59 19.45 9.39 -6.57
C ALA B 59 19.60 8.14 -7.44
N THR B 60 18.48 7.55 -7.87
CA THR B 60 18.49 6.50 -8.89
C THR B 60 19.25 6.91 -10.14
N LYS B 61 19.23 8.21 -10.47
CA LYS B 61 19.81 8.67 -11.73
C LYS B 61 21.29 8.35 -11.81
N LEU B 62 22.03 8.50 -10.70
CA LEU B 62 23.45 8.18 -10.71
C LEU B 62 23.66 6.72 -11.07
N ILE B 63 22.87 5.84 -10.48
CA ILE B 63 23.05 4.41 -10.70
C ILE B 63 22.71 4.07 -12.14
N THR B 64 21.61 4.63 -12.66
CA THR B 64 21.28 4.45 -14.06
C THR B 64 22.38 5.01 -14.96
N THR B 65 22.94 6.16 -14.60
CA THR B 65 24.05 6.71 -15.36
C THR B 65 25.19 5.71 -15.46
N ILE B 66 25.57 5.10 -14.32
CA ILE B 66 26.62 4.06 -14.32
C ILE B 66 26.26 2.91 -15.25
N ALA B 67 25.01 2.42 -15.15
CA ALA B 67 24.59 1.31 -15.99
C ALA B 67 24.76 1.65 -17.48
N ALA B 68 24.37 2.86 -17.88
CA ALA B 68 24.50 3.24 -19.29
C ALA B 68 25.97 3.32 -19.70
N LEU B 69 26.84 3.86 -18.83
CA LEU B 69 28.25 3.91 -19.16
C LEU B 69 28.88 2.53 -19.25
N GLN B 70 28.33 1.56 -18.51
CA GLN B 70 28.82 0.19 -18.66
C GLN B 70 28.42 -0.39 -20.01
N CYS B 71 27.21 -0.09 -20.48
CA CYS B 71 26.86 -0.45 -21.84
C CYS B 71 27.79 0.22 -22.86
N VAL B 72 28.30 1.41 -22.56
CA VAL B 72 29.29 2.04 -23.43
C VAL B 72 30.59 1.23 -23.45
N GLU B 73 31.08 0.87 -22.25
CA GLU B 73 32.28 0.03 -22.17
C GLU B 73 32.14 -1.26 -22.96
N ASP B 74 30.95 -1.89 -22.90
CA ASP B 74 30.69 -3.15 -23.58
C ASP B 74 30.60 -3.02 -25.10
N GLY B 75 30.55 -1.80 -25.64
CA GLY B 75 30.32 -1.63 -27.05
C GLY B 75 28.86 -1.67 -27.45
N LEU B 76 27.93 -1.70 -26.50
CA LEU B 76 26.52 -1.69 -26.84
C LEU B 76 25.97 -0.30 -27.10
N LEU B 77 26.66 0.73 -26.64
CA LEU B 77 26.25 2.11 -26.85
C LEU B 77 27.49 2.98 -27.00
N SER B 78 27.28 4.21 -27.47
CA SER B 78 28.28 5.27 -27.39
C SER B 78 27.63 6.53 -26.84
N LEU B 79 28.46 7.40 -26.24
CA LEU B 79 27.92 8.62 -25.64
C LEU B 79 27.33 9.55 -26.69
N ASP B 80 27.95 9.61 -27.88
CA ASP B 80 27.54 10.53 -28.92
C ASP B 80 26.81 9.86 -30.07
N GLY B 81 26.60 8.55 -30.00
CA GLY B 81 25.94 7.86 -31.09
C GLY B 81 24.48 8.26 -31.23
N ASP B 82 23.98 8.09 -32.46
CA ASP B 82 22.58 8.33 -32.79
C ASP B 82 21.71 7.26 -32.14
N LEU B 83 20.78 7.67 -31.27
CA LEU B 83 19.86 6.74 -30.61
C LEU B 83 18.55 6.52 -31.36
N SER B 84 18.40 7.12 -32.55
CA SER B 84 17.09 7.13 -33.22
C SER B 84 16.61 5.72 -33.52
N SER B 85 17.51 4.77 -33.74
CA SER B 85 17.10 3.41 -34.04
C SER B 85 16.61 2.68 -32.78
N ILE B 86 17.43 2.70 -31.71
CA ILE B 86 17.08 2.01 -30.48
C ILE B 86 15.87 2.64 -29.81
N ALA B 87 15.68 3.95 -29.94
CA ALA B 87 14.61 4.68 -29.25
C ALA B 87 13.86 5.56 -30.22
N PRO B 88 13.12 4.96 -31.17
CA PRO B 88 12.39 5.78 -32.16
C PRO B 88 11.39 6.72 -31.54
N GLU B 89 10.91 6.45 -30.33
CA GLU B 89 10.01 7.40 -29.68
C GLU B 89 10.72 8.72 -29.48
N LEU B 90 12.03 8.69 -29.28
CA LEU B 90 12.80 9.92 -29.12
C LEU B 90 13.02 10.62 -30.45
N ALA B 91 13.39 9.86 -31.49
CA ALA B 91 13.60 10.45 -32.81
C ALA B 91 12.34 11.15 -33.30
N ALA B 92 11.16 10.66 -32.94
CA ALA B 92 9.89 11.18 -33.44
C ALA B 92 9.43 12.44 -32.73
N LYS B 93 10.08 12.85 -31.65
CA LYS B 93 9.61 14.01 -30.91
C LYS B 93 9.97 15.29 -31.64
N TYR B 94 9.04 16.23 -31.64
CA TYR B 94 9.28 17.57 -32.15
C TYR B 94 9.65 18.52 -31.02
N VAL B 95 10.09 19.71 -31.39
CA VAL B 95 10.50 20.74 -30.44
C VAL B 95 9.34 21.72 -30.30
N LEU B 96 8.74 21.76 -29.12
CA LEU B 96 7.65 22.70 -28.86
C LEU B 96 8.22 24.10 -28.65
N THR B 97 7.82 25.03 -29.54
CA THR B 97 8.30 26.41 -29.49
C THR B 97 7.30 27.37 -28.88
N GLY B 98 6.04 26.99 -28.78
CA GLY B 98 5.05 27.87 -28.18
C GLY B 98 3.66 27.53 -28.68
N PHE B 99 2.74 28.45 -28.40
CA PHE B 99 1.32 28.26 -28.75
C PHE B 99 0.98 29.41 -29.68
N THR B 100 -0.16 29.24 -30.35
CA THR B 100 -0.85 30.25 -31.13
C THR B 100 -1.52 31.21 -30.21
N ASP B 101 -2.43 31.96 -30.80
CA ASP B 101 -3.36 32.77 -30.06
C ASP B 101 -4.47 31.80 -29.77
N ASP B 102 -4.91 31.13 -30.83
CA ASP B 102 -5.93 30.09 -30.82
C ASP B 102 -5.59 28.90 -29.91
N GLU B 103 -4.40 28.88 -29.29
CA GLU B 103 -4.02 27.86 -28.31
C GLU B 103 -3.95 26.45 -28.92
N SER B 104 -3.27 26.35 -30.24
CA SER B 104 -2.74 25.25 -31.04
C SER B 104 -1.21 25.18 -30.90
N PRO B 105 -0.60 24.00 -30.92
CA PRO B 105 0.84 23.90 -30.63
C PRO B 105 1.73 24.19 -31.84
N LEU B 106 2.66 25.13 -31.67
CA LEU B 106 3.69 25.38 -32.67
C LEU B 106 4.94 24.55 -32.35
N ASP B 107 5.45 23.80 -33.34
CA ASP B 107 6.66 23.01 -33.12
C ASP B 107 7.63 23.17 -34.29
N ASP B 108 8.84 22.65 -34.12
CA ASP B 108 9.81 22.55 -35.19
C ASP B 108 10.34 21.12 -35.20
N PRO B 109 10.78 20.63 -36.35
CA PRO B 109 11.44 19.33 -36.38
C PRO B 109 12.71 19.36 -35.52
N PRO B 110 13.13 18.22 -35.01
CA PRO B 110 14.43 18.18 -34.31
C PRO B 110 15.57 18.37 -35.31
N ALA B 111 16.53 19.22 -34.95
CA ALA B 111 17.61 19.54 -35.88
C ALA B 111 18.67 18.45 -35.96
N ARG B 112 18.75 17.57 -34.97
CA ARG B 112 19.79 16.55 -34.89
C ARG B 112 19.26 15.41 -34.02
N PRO B 113 19.92 14.26 -34.03
CA PRO B 113 19.46 13.14 -33.19
C PRO B 113 19.81 13.31 -31.71
N ILE B 114 18.98 12.70 -30.87
CA ILE B 114 19.22 12.65 -29.42
C ILE B 114 20.24 11.55 -29.13
N THR B 115 21.21 11.85 -28.26
CA THR B 115 22.29 10.91 -27.94
C THR B 115 22.26 10.55 -26.45
N LEU B 116 23.04 9.51 -26.11
CA LEU B 116 23.12 9.08 -24.71
C LEU B 116 23.66 10.20 -23.82
N LYS B 117 24.70 10.90 -24.27
CA LYS B 117 25.21 12.01 -23.49
C LYS B 117 24.13 13.04 -23.18
N MET B 118 23.26 13.32 -24.15
CA MET B 118 22.20 14.29 -23.89
C MET B 118 21.23 13.77 -22.84
N LEU B 119 20.92 12.48 -22.91
CA LEU B 119 20.01 11.92 -21.93
C LEU B 119 20.60 12.02 -20.53
N LEU B 120 21.89 11.72 -20.39
CA LEU B 120 22.56 11.73 -19.10
C LEU B 120 22.77 13.14 -18.53
N THR B 121 22.77 14.18 -19.37
CA THR B 121 23.04 15.54 -18.92
C THR B 121 21.82 16.44 -19.01
N HIS B 122 20.65 15.90 -19.34
CA HIS B 122 19.41 16.66 -19.39
C HIS B 122 19.49 17.78 -20.44
N SER B 123 20.23 17.53 -21.51
CA SER B 123 20.35 18.44 -22.63
C SER B 123 19.77 17.84 -23.91
N SER B 124 18.91 16.83 -23.78
CA SER B 124 18.25 16.26 -24.94
C SER B 124 17.02 17.04 -25.35
N GLY B 125 16.42 17.79 -24.43
CA GLY B 125 15.15 18.43 -24.64
C GLY B 125 13.99 17.81 -23.88
N THR B 126 14.11 16.57 -23.39
CA THR B 126 13.02 15.98 -22.60
C THR B 126 12.99 16.63 -21.22
N SER B 127 11.83 17.20 -20.86
CA SER B 127 11.64 17.99 -19.66
C SER B 127 10.53 17.40 -18.80
N TYR B 128 10.67 17.56 -17.49
CA TYR B 128 9.58 17.27 -16.57
C TYR B 128 8.47 18.30 -16.76
N HIS B 129 7.24 17.81 -16.92
CA HIS B 129 6.12 18.73 -17.14
C HIS B 129 5.96 19.70 -15.98
N PHE B 130 6.30 19.27 -14.75
CA PHE B 130 6.15 20.14 -13.58
C PHE B 130 7.24 21.19 -13.46
N LEU B 131 8.23 21.20 -14.36
CA LEU B 131 9.27 22.23 -14.38
C LEU B 131 9.23 23.10 -15.62
N ASP B 132 8.49 22.71 -16.64
CA ASP B 132 8.43 23.43 -17.90
C ASP B 132 6.99 23.83 -18.18
N PRO B 133 6.58 25.06 -17.86
CA PRO B 133 5.16 25.41 -18.00
C PRO B 133 4.63 25.19 -19.41
N SER B 134 5.48 25.42 -20.41
CA SER B 134 5.11 25.14 -21.79
C SER B 134 4.79 23.66 -21.99
N ILE B 135 5.65 22.78 -21.44
CA ILE B 135 5.39 21.35 -21.57
C ILE B 135 4.21 20.93 -20.71
N ALA B 136 4.00 21.60 -19.58
CA ALA B 136 2.84 21.28 -18.73
C ALA B 136 1.52 21.53 -19.44
N LYS B 137 1.49 22.55 -20.32
CA LYS B 137 0.29 22.88 -21.08
C LYS B 137 0.03 21.89 -22.21
N TRP B 138 1.05 21.60 -23.02
CA TRP B 138 0.88 20.59 -24.06
C TRP B 138 0.33 19.32 -23.44
N ARG B 139 0.91 18.91 -22.31
CA ARG B 139 0.39 17.76 -21.57
C ARG B 139 -1.07 17.97 -21.26
N ALA B 140 -1.43 19.20 -20.84
CA ALA B 140 -2.77 19.49 -20.31
C ALA B 140 -3.82 19.50 -21.41
N GLN B 141 -3.49 19.96 -22.60
CA GLN B 141 -4.45 19.88 -23.70
C GLN B 141 -4.53 18.50 -24.24
N TYR B 142 -3.43 17.96 -24.70
CA TYR B 142 -3.43 16.68 -25.35
C TYR B 142 -4.09 15.60 -24.62
N ALA B 143 -4.17 15.78 -23.31
CA ALA B 143 -4.35 14.66 -22.41
C ALA B 143 -4.73 15.08 -21.03
N ASN B 144 -4.74 14.09 -20.15
CA ASN B 144 -4.38 12.74 -20.56
C ASN B 144 -5.28 11.70 -19.98
N PRO B 145 -6.46 12.14 -19.55
CA PRO B 145 -7.26 11.34 -18.61
C PRO B 145 -6.62 10.88 -17.34
N GLU B 146 -6.88 9.62 -16.96
CA GLU B 146 -6.24 8.95 -15.87
C GLU B 146 -6.85 7.83 -16.71
N ASN B 147 -6.14 7.39 -17.74
CA ASN B 147 -6.29 6.00 -18.15
C ASN B 147 -6.14 5.04 -16.97
N GLU B 148 -5.30 5.43 -16.00
CA GLU B 148 -5.00 4.71 -14.79
C GLU B 148 -4.61 3.23 -15.04
N LYS B 149 -4.25 2.87 -16.29
CA LYS B 149 -3.44 1.68 -16.50
C LYS B 149 -1.96 2.06 -16.38
N PRO B 150 -1.17 1.34 -15.59
CA PRO B 150 0.25 1.70 -15.43
C PRO B 150 1.03 1.71 -16.74
N ARG B 151 1.84 2.74 -16.90
CA ARG B 151 2.60 2.95 -18.12
C ARG B 151 4.03 2.55 -18.05
N LEU B 152 4.57 2.03 -19.14
CA LEU B 152 6.00 1.96 -19.28
C LEU B 152 6.57 3.37 -19.47
N VAL B 153 7.92 3.45 -19.42
CA VAL B 153 8.61 4.72 -19.62
C VAL B 153 8.13 5.42 -20.89
N GLU B 154 8.08 4.69 -22.01
CA GLU B 154 7.78 5.32 -23.29
C GLU B 154 6.30 5.68 -23.45
N GLU B 155 5.42 5.09 -22.66
CA GLU B 155 4.01 5.46 -22.63
C GLU B 155 3.75 6.56 -21.63
N MET B 156 4.73 6.84 -20.77
CA MET B 156 4.62 7.87 -19.75
C MET B 156 5.12 9.22 -20.23
N PHE B 157 6.25 9.24 -20.94
CA PHE B 157 6.93 10.49 -21.26
C PHE B 157 6.78 10.72 -22.77
N THR B 158 5.59 11.22 -23.14
CA THR B 158 5.16 11.30 -24.53
C THR B 158 5.18 12.73 -25.06
N TYR B 159 5.72 13.67 -24.30
CA TYR B 159 5.72 15.08 -24.66
C TYR B 159 6.76 15.39 -25.71
N PRO B 160 6.57 16.47 -26.46
CA PRO B 160 7.62 16.97 -27.34
C PRO B 160 8.82 17.46 -26.54
N LEU B 161 9.95 17.61 -27.23
CA LEU B 161 11.10 18.22 -26.60
C LEU B 161 10.81 19.68 -26.29
N SER B 162 11.53 20.21 -25.31
CA SER B 162 11.42 21.62 -24.98
C SER B 162 12.41 22.49 -25.73
N PHE B 163 13.34 21.93 -26.48
CA PHE B 163 14.32 22.75 -27.17
C PHE B 163 15.11 21.81 -28.08
N GLN B 164 15.88 22.40 -28.98
CA GLN B 164 16.61 21.58 -29.94
C GLN B 164 17.65 20.73 -29.22
N PRO B 165 17.68 19.42 -29.47
CA PRO B 165 18.66 18.53 -28.81
C PRO B 165 20.07 19.09 -28.72
N GLY B 166 20.66 19.04 -27.52
CA GLY B 166 22.02 19.48 -27.31
C GLY B 166 22.22 20.97 -27.07
N THR B 167 21.20 21.81 -27.27
CA THR B 167 21.38 23.26 -27.21
C THR B 167 20.75 23.89 -25.99
N GLY B 168 20.22 23.10 -25.06
CA GLY B 168 19.60 23.63 -23.87
C GLY B 168 19.77 22.68 -22.71
N TRP B 169 19.22 23.06 -21.56
CA TRP B 169 19.26 22.22 -20.37
C TRP B 169 17.93 22.32 -19.66
N MET B 170 17.31 21.18 -19.41
CA MET B 170 16.22 21.17 -18.45
C MET B 170 16.11 19.76 -17.89
N TYR B 171 16.12 19.66 -16.55
CA TYR B 171 15.86 18.42 -15.82
C TYR B 171 14.65 17.70 -16.39
N GLY B 172 14.77 16.39 -16.61
CA GLY B 172 13.67 15.63 -17.14
C GLY B 172 13.88 14.14 -17.14
N PRO B 173 13.13 13.42 -17.98
CA PRO B 173 13.16 11.96 -17.98
C PRO B 173 14.32 11.37 -18.76
N GLY B 174 15.42 12.11 -18.91
CA GLY B 174 16.55 11.60 -19.68
C GLY B 174 17.07 10.26 -19.18
N LEU B 175 17.02 10.02 -17.87
CA LEU B 175 17.51 8.75 -17.34
C LEU B 175 16.48 7.64 -17.39
N ASP B 176 15.19 7.98 -17.41
CA ASP B 176 14.18 6.97 -17.69
C ASP B 176 14.33 6.47 -19.12
N TRP B 177 14.62 7.38 -20.05
CA TRP B 177 14.92 6.96 -21.42
C TRP B 177 16.21 6.14 -21.48
N ALA B 178 17.25 6.59 -20.75
CA ALA B 178 18.51 5.85 -20.75
C ALA B 178 18.31 4.44 -20.20
N GLY B 179 17.49 4.31 -19.15
CA GLY B 179 17.17 2.99 -18.61
C GLY B 179 16.51 2.08 -19.63
N ARG B 180 15.52 2.59 -20.37
CA ARG B 180 14.88 1.77 -21.40
C ARG B 180 15.88 1.40 -22.48
N VAL B 181 16.75 2.33 -22.86
CA VAL B 181 17.76 2.02 -23.87
C VAL B 181 18.66 0.91 -23.36
N VAL B 182 18.98 0.91 -22.07
CA VAL B 182 19.80 -0.17 -21.52
C VAL B 182 19.05 -1.50 -21.62
N GLU B 183 17.75 -1.50 -21.34
CA GLU B 183 16.96 -2.71 -21.46
C GLU B 183 16.94 -3.21 -22.90
N ARG B 184 16.67 -2.32 -23.84
CA ARG B 184 16.56 -2.75 -25.24
C ARG B 184 17.88 -3.31 -25.77
N VAL B 185 19.00 -2.67 -25.45
CA VAL B 185 20.25 -3.16 -26.02
C VAL B 185 20.78 -4.37 -25.28
N THR B 186 20.30 -4.66 -24.08
CA THR B 186 20.76 -5.82 -23.33
C THR B 186 19.80 -7.00 -23.39
N GLY B 187 18.53 -6.77 -23.75
CA GLY B 187 17.56 -7.84 -23.80
C GLY B 187 17.06 -8.32 -22.45
N GLY B 188 17.24 -7.51 -21.40
CA GLY B 188 16.78 -7.86 -20.08
C GLY B 188 16.24 -6.63 -19.37
N THR B 189 15.81 -6.82 -18.12
CA THR B 189 15.33 -5.71 -17.33
C THR B 189 16.49 -4.86 -16.82
N LEU B 190 16.15 -3.64 -16.41
CA LEU B 190 17.17 -2.76 -15.83
C LEU B 190 17.68 -3.33 -14.51
N MET B 191 16.79 -3.92 -13.72
CA MET B 191 17.17 -4.54 -12.45
C MET B 191 18.18 -5.67 -12.67
N GLU B 192 17.92 -6.52 -13.68
CA GLU B 192 18.82 -7.64 -13.96
C GLU B 192 20.23 -7.15 -14.30
N PHE B 193 20.32 -6.16 -15.18
CA PHE B 193 21.63 -5.61 -15.55
C PHE B 193 22.33 -5.02 -14.33
N MET B 194 21.60 -4.20 -13.55
CA MET B 194 22.19 -3.56 -12.37
C MET B 194 22.62 -4.59 -11.32
N GLN B 195 21.76 -5.59 -11.08
CA GLN B 195 22.14 -6.63 -10.13
C GLN B 195 23.46 -7.26 -10.54
N LYS B 196 23.63 -7.52 -11.84
CA LYS B 196 24.80 -8.25 -12.29
C LYS B 196 26.01 -7.34 -12.40
N ARG B 197 25.82 -6.09 -12.82
CA ARG B 197 26.97 -5.25 -13.18
C ARG B 197 27.35 -4.23 -12.11
N ILE B 198 26.45 -3.90 -11.18
CA ILE B 198 26.70 -2.88 -10.16
C ILE B 198 26.57 -3.47 -8.75
N PHE B 199 25.48 -4.18 -8.47
CA PHE B 199 25.24 -4.62 -7.10
C PHE B 199 26.07 -5.86 -6.75
N ASP B 200 26.05 -6.89 -7.61
CA ASP B 200 26.88 -8.09 -7.37
C ASP B 200 28.34 -7.76 -7.13
N PRO B 201 29.03 -6.95 -7.94
CA PRO B 201 30.44 -6.66 -7.66
C PRO B 201 30.67 -6.02 -6.30
N LEU B 202 29.68 -5.29 -5.77
CA LEU B 202 29.81 -4.60 -4.49
C LEU B 202 29.21 -5.38 -3.33
N GLY B 203 28.73 -6.61 -3.55
CA GLY B 203 28.06 -7.35 -2.49
C GLY B 203 26.72 -6.79 -2.09
N ILE B 204 26.04 -6.10 -2.99
CA ILE B 204 24.73 -5.53 -2.70
C ILE B 204 23.66 -6.56 -3.04
N THR B 205 22.80 -6.87 -2.07
CA THR B 205 21.75 -7.85 -2.31
C THR B 205 20.37 -7.32 -1.95
N ASP B 206 20.26 -6.11 -1.43
CA ASP B 206 19.01 -5.64 -0.87
C ASP B 206 18.44 -4.46 -1.66
N SER B 207 18.16 -4.64 -2.94
CA SER B 207 17.73 -3.51 -3.75
C SER B 207 16.62 -3.95 -4.70
N GLN B 208 15.70 -3.03 -4.98
CA GLN B 208 14.63 -3.33 -5.91
C GLN B 208 14.07 -2.02 -6.46
N PHE B 209 13.63 -2.06 -7.71
CA PHE B 209 12.87 -0.95 -8.26
C PHE B 209 11.45 -0.92 -7.69
N TYR B 210 10.83 0.24 -7.75
CA TYR B 210 9.38 0.28 -7.49
C TYR B 210 8.64 -0.57 -8.53
N PRO B 211 7.63 -1.34 -8.09
CA PRO B 211 7.23 -1.51 -6.68
C PRO B 211 8.03 -2.59 -5.97
N VAL B 212 8.32 -2.38 -4.70
CA VAL B 212 9.10 -3.35 -3.94
C VAL B 212 8.18 -4.52 -3.57
N THR B 213 8.53 -5.70 -4.07
CA THR B 213 7.80 -6.92 -3.84
C THR B 213 8.47 -7.88 -2.86
N ARG B 214 9.79 -7.80 -2.69
CA ARG B 214 10.50 -8.75 -1.83
C ARG B 214 10.13 -8.52 -0.37
N GLU B 215 9.76 -9.62 0.30
CA GLU B 215 9.22 -9.55 1.66
C GLU B 215 10.27 -9.08 2.66
N ASP B 216 11.49 -9.58 2.55
CA ASP B 216 12.54 -9.15 3.46
C ASP B 216 12.80 -7.65 3.31
N LEU B 217 12.78 -7.13 2.08
CA LEU B 217 13.00 -5.69 1.87
C LEU B 217 11.82 -4.88 2.39
N ARG B 218 10.59 -5.33 2.10
CA ARG B 218 9.41 -4.62 2.56
C ARG B 218 9.36 -4.53 4.08
N ALA B 219 9.88 -5.55 4.78
CA ALA B 219 9.99 -5.48 6.23
C ALA B 219 10.96 -4.42 6.71
N ARG B 220 11.82 -3.88 5.83
CA ARG B 220 12.78 -2.85 6.21
C ARG B 220 12.57 -1.52 5.48
N LEU B 221 11.49 -1.37 4.70
CA LEU B 221 11.20 -0.13 4.00
C LEU B 221 10.81 0.97 4.98
N VAL B 222 11.56 2.07 4.97
CA VAL B 222 11.14 3.27 5.69
C VAL B 222 9.77 3.75 5.20
N ASP B 223 9.55 3.69 3.89
CA ASP B 223 8.40 4.34 3.27
C ASP B 223 7.16 3.43 3.14
N LEU B 224 7.22 2.20 3.68
CA LEU B 224 6.04 1.34 3.84
C LEU B 224 5.58 1.49 5.28
N ASN B 225 4.58 2.32 5.48
CA ASN B 225 4.13 2.65 6.83
C ASN B 225 2.68 3.14 6.75
N PRO B 226 2.04 3.44 7.88
CA PRO B 226 0.62 3.84 7.81
C PRO B 226 0.34 5.07 6.96
N SER B 227 1.26 6.03 6.86
CA SER B 227 1.09 7.21 6.04
C SER B 227 1.35 6.95 4.56
N ASP B 228 1.97 5.82 4.23
CA ASP B 228 2.33 5.49 2.85
C ASP B 228 2.19 3.99 2.66
N PRO B 229 0.97 3.45 2.82
CA PRO B 229 0.78 2.00 2.66
C PRO B 229 1.12 1.50 1.28
N GLY B 230 1.19 2.40 0.29
CA GLY B 230 1.59 2.00 -1.04
C GLY B 230 3.08 1.85 -1.25
N ALA B 231 3.89 2.17 -0.24
CA ALA B 231 5.35 2.23 -0.36
C ALA B 231 5.74 3.03 -1.60
N LEU B 232 5.13 4.19 -1.77
CA LEU B 232 5.32 5.03 -2.94
C LEU B 232 6.47 6.01 -2.80
N GLY B 233 6.98 6.23 -1.59
CA GLY B 233 8.02 7.23 -1.38
C GLY B 233 7.52 8.64 -1.17
N SER B 234 6.25 8.83 -0.79
CA SER B 234 5.66 10.17 -0.64
C SER B 234 6.52 11.11 0.18
N ALA B 235 7.06 10.63 1.30
CA ALA B 235 7.78 11.52 2.20
C ALA B 235 9.05 12.07 1.54
N VAL B 236 9.65 11.32 0.62
CA VAL B 236 10.90 11.76 0.01
C VAL B 236 10.63 12.81 -1.06
N ILE B 237 9.61 12.60 -1.90
CA ILE B 237 9.35 13.58 -2.97
C ILE B 237 8.45 14.70 -2.49
N GLY B 238 7.91 14.59 -1.28
CA GLY B 238 7.18 15.67 -0.62
C GLY B 238 5.71 15.73 -0.99
N GLY B 239 5.09 14.56 -1.12
CA GLY B 239 3.68 14.65 -1.45
C GLY B 239 3.42 13.94 -2.77
N GLY B 240 2.44 13.05 -2.76
CA GLY B 240 2.16 12.37 -4.00
C GLY B 240 2.36 10.87 -4.05
N GLY B 241 3.46 10.46 -4.69
CA GLY B 241 3.68 9.08 -5.10
C GLY B 241 3.11 8.74 -6.47
N GLU B 242 2.48 9.71 -7.15
CA GLU B 242 1.67 9.42 -8.33
C GLU B 242 2.54 8.92 -9.49
N MET B 243 3.72 9.52 -9.69
CA MET B 243 4.56 9.05 -10.79
C MET B 243 4.90 7.57 -10.60
N ASN B 244 5.25 7.16 -9.39
CA ASN B 244 5.46 5.75 -9.09
C ASN B 244 4.19 4.94 -9.34
N LEU B 245 3.07 5.41 -8.80
CA LEU B 245 1.80 4.70 -8.89
C LEU B 245 1.41 4.40 -10.32
N ARG B 246 1.71 5.29 -11.25
CA ARG B 246 1.20 5.16 -12.60
C ARG B 246 2.18 4.45 -13.52
N GLY B 247 3.34 4.15 -13.02
CA GLY B 247 4.34 3.49 -13.81
C GLY B 247 4.27 1.99 -13.72
N ARG B 248 4.90 1.36 -14.70
CA ARG B 248 5.03 -0.07 -14.82
C ARG B 248 6.44 -0.34 -15.32
N GLY B 249 7.11 -1.34 -14.73
CA GLY B 249 8.49 -1.60 -15.07
C GLY B 249 9.42 -0.62 -14.39
N ALA B 250 10.72 -0.81 -14.63
CA ALA B 250 11.73 0.03 -13.99
C ALA B 250 11.75 1.44 -14.56
N PHE B 251 11.89 2.43 -13.68
CA PHE B 251 12.07 3.83 -14.06
C PHE B 251 13.45 4.28 -13.61
N GLY B 252 14.38 4.33 -14.57
CA GLY B 252 15.77 4.71 -14.28
C GLY B 252 15.94 6.13 -13.77
N GLY B 253 14.90 6.95 -13.86
CA GLY B 253 14.95 8.30 -13.31
C GLY B 253 14.91 8.26 -11.80
N HIS B 254 14.02 7.46 -11.22
CA HIS B 254 13.56 7.70 -9.86
C HIS B 254 13.15 6.46 -9.08
N GLY B 255 13.26 5.26 -9.65
CA GLY B 255 12.56 4.14 -9.07
C GLY B 255 13.26 3.30 -7.99
N LEU B 256 14.56 3.45 -7.74
CA LEU B 256 15.28 2.43 -6.96
C LEU B 256 15.11 2.63 -5.46
N PHE B 257 15.13 1.50 -4.74
CA PHE B 257 15.22 1.45 -3.28
C PHE B 257 16.51 0.74 -2.89
N LEU B 258 17.18 1.26 -1.87
CA LEU B 258 18.55 0.88 -1.51
C LEU B 258 18.81 1.30 -0.06
N THR B 259 19.72 0.61 0.62
CA THR B 259 20.12 1.13 1.92
C THR B 259 21.16 2.23 1.75
N GLY B 260 21.25 3.09 2.77
CA GLY B 260 22.35 4.04 2.84
C GLY B 260 23.71 3.36 2.76
N LEU B 261 23.87 2.25 3.47
CA LEU B 261 25.17 1.55 3.47
C LEU B 261 25.52 1.09 2.08
N ASP B 262 24.53 0.62 1.32
CA ASP B 262 24.83 0.13 -0.01
C ASP B 262 25.07 1.27 -0.98
N PHE B 263 24.35 2.39 -0.81
CA PHE B 263 24.54 3.49 -1.76
C PHE B 263 25.94 4.08 -1.65
N VAL B 264 26.48 4.16 -0.42
CA VAL B 264 27.79 4.79 -0.26
C VAL B 264 28.88 3.89 -0.84
N LYS B 265 28.65 2.57 -0.87
CA LYS B 265 29.56 1.68 -1.61
C LYS B 265 29.67 2.09 -3.08
N ILE B 266 28.55 2.49 -3.68
CA ILE B 266 28.61 2.94 -5.07
C ILE B 266 29.39 4.23 -5.16
N LEU B 267 29.09 5.17 -4.26
CA LEU B 267 29.81 6.43 -4.20
C LEU B 267 31.31 6.19 -4.04
N ARG B 268 31.69 5.26 -3.16
CA ARG B 268 33.09 5.06 -2.83
C ARG B 268 33.87 4.43 -3.98
N SER B 269 33.24 3.50 -4.71
CA SER B 269 33.92 2.91 -5.88
C SER B 269 34.26 3.98 -6.93
N LEU B 270 33.36 4.93 -7.18
CA LEU B 270 33.68 6.03 -8.09
C LEU B 270 34.78 6.92 -7.52
N LEU B 271 34.69 7.28 -6.23
CA LEU B 271 35.70 8.11 -5.59
C LEU B 271 37.09 7.49 -5.67
N ALA B 272 37.22 6.21 -5.28
CA ALA B 272 38.51 5.53 -5.34
C ALA B 272 38.91 5.15 -6.75
N ASN B 273 37.97 5.12 -7.68
CA ASN B 273 38.20 4.74 -9.07
C ASN B 273 38.89 3.38 -9.15
N ASP B 274 38.28 2.41 -8.46
CA ASP B 274 38.88 1.11 -8.23
C ASP B 274 38.51 0.07 -9.27
N GLY B 275 37.92 0.49 -10.39
CA GLY B 275 37.63 -0.43 -11.46
C GLY B 275 36.52 -1.43 -11.19
N MET B 276 35.87 -1.37 -10.03
CA MET B 276 34.77 -2.29 -9.74
C MET B 276 33.59 -2.13 -10.68
N LEU B 277 33.33 -0.90 -11.14
CA LEU B 277 32.16 -0.60 -11.94
C LEU B 277 32.50 -0.12 -13.34
N LEU B 278 33.54 0.69 -13.48
CA LEU B 278 33.94 1.26 -14.75
C LEU B 278 35.46 1.35 -14.78
N LYS B 279 36.01 1.35 -15.98
CA LYS B 279 37.43 1.59 -16.11
C LYS B 279 37.74 3.03 -15.69
N PRO B 280 38.92 3.25 -15.10
CA PRO B 280 39.23 4.58 -14.53
C PRO B 280 39.03 5.75 -15.48
N ALA B 281 39.36 5.57 -16.76
CA ALA B 281 39.20 6.65 -17.71
C ALA B 281 37.73 6.95 -17.97
N ALA B 282 36.86 5.95 -17.92
CA ALA B 282 35.43 6.23 -18.01
C ALA B 282 34.92 6.99 -16.79
N VAL B 283 35.41 6.63 -15.59
CA VAL B 283 35.03 7.39 -14.40
C VAL B 283 35.52 8.84 -14.51
N ASP B 284 36.81 9.02 -14.84
CA ASP B 284 37.35 10.37 -15.04
C ASP B 284 36.45 11.20 -15.95
N ASN B 285 35.94 10.60 -17.03
CA ASN B 285 35.11 11.34 -17.96
C ASN B 285 33.77 11.79 -17.35
N MET B 286 33.30 11.17 -16.26
CA MET B 286 32.06 11.60 -15.61
C MET B 286 32.22 12.98 -14.97
N PHE B 287 33.41 13.29 -14.48
CA PHE B 287 33.64 14.52 -13.72
C PHE B 287 34.13 15.65 -14.63
N GLN B 288 33.45 15.83 -15.77
CA GLN B 288 33.79 16.87 -16.72
C GLN B 288 32.49 17.53 -17.19
N GLN B 289 32.59 18.79 -17.57
CA GLN B 289 31.47 19.48 -18.17
C GLN B 289 31.11 18.83 -19.51
N HIS B 290 29.87 18.39 -19.64
CA HIS B 290 29.42 17.76 -20.87
C HIS B 290 28.25 18.48 -21.50
N LEU B 291 27.97 19.69 -21.06
CA LEU B 291 27.10 20.58 -21.80
C LEU B 291 27.94 21.37 -22.79
N GLY B 292 27.44 21.52 -24.01
CA GLY B 292 28.05 22.44 -24.93
C GLY B 292 27.76 23.88 -24.53
N PRO B 293 28.34 24.83 -25.29
CA PRO B 293 28.17 26.26 -24.93
C PRO B 293 26.72 26.69 -24.80
N GLU B 294 25.88 26.39 -25.80
CA GLU B 294 24.48 26.81 -25.72
C GLU B 294 23.75 26.13 -24.57
N ALA B 295 23.95 24.82 -24.39
CA ALA B 295 23.29 24.12 -23.29
C ALA B 295 23.81 24.64 -21.95
N ALA B 296 25.11 24.94 -21.84
CA ALA B 296 25.68 25.48 -20.61
C ALA B 296 25.06 26.84 -20.24
N ALA B 297 24.85 27.72 -21.23
CA ALA B 297 24.17 28.99 -20.95
C ALA B 297 22.73 28.75 -20.53
N SER B 298 22.08 27.77 -21.14
CA SER B 298 20.74 27.38 -20.73
C SER B 298 20.73 26.87 -19.29
N HIS B 299 21.66 25.95 -18.97
CA HIS B 299 21.81 25.47 -17.59
C HIS B 299 21.94 26.63 -16.60
N ARG B 300 22.83 27.58 -16.87
CA ARG B 300 23.00 28.70 -15.95
C ARG B 300 21.75 29.57 -15.83
N ALA B 301 20.98 29.76 -16.91
CA ALA B 301 19.71 30.47 -16.78
C ALA B 301 18.73 29.72 -15.88
N ALA B 302 18.69 28.39 -15.98
CA ALA B 302 17.85 27.62 -15.08
C ALA B 302 18.32 27.76 -13.63
N LEU B 303 19.64 27.75 -13.39
CA LEU B 303 20.15 27.93 -12.03
C LEU B 303 19.80 29.30 -11.47
N ALA B 304 19.57 30.29 -12.35
CA ALA B 304 19.17 31.65 -11.96
C ALA B 304 17.66 31.83 -11.88
N SER B 305 16.87 30.87 -12.32
CA SER B 305 15.42 30.94 -12.30
C SER B 305 14.89 30.67 -10.90
N PRO B 306 13.58 30.81 -10.68
CA PRO B 306 13.02 30.48 -9.35
C PRO B 306 13.20 29.03 -8.94
N LEU B 307 13.38 28.10 -9.88
CA LEU B 307 13.70 26.72 -9.53
C LEU B 307 15.18 26.50 -9.22
N GLY B 308 16.02 27.53 -9.39
CA GLY B 308 17.45 27.37 -9.23
C GLY B 308 17.96 26.81 -7.91
N PRO B 309 17.35 27.14 -6.76
CA PRO B 309 17.84 26.56 -5.50
C PRO B 309 17.83 25.05 -5.51
N PHE B 310 16.82 24.43 -6.12
CA PHE B 310 16.82 22.98 -6.31
C PHE B 310 17.95 22.55 -7.22
N PHE B 311 18.09 23.23 -8.35
CA PHE B 311 19.09 22.89 -9.34
C PHE B 311 20.51 23.11 -8.84
N ARG B 312 20.72 23.96 -7.84
CA ARG B 312 22.08 24.21 -7.37
C ARG B 312 22.56 23.21 -6.31
N VAL B 313 21.67 22.38 -5.77
CA VAL B 313 21.98 21.33 -4.81
C VAL B 313 22.79 21.87 -3.66
N GLY B 314 22.43 23.07 -3.18
CA GLY B 314 23.12 23.71 -2.09
C GLY B 314 24.36 24.53 -2.45
N THR B 315 24.87 24.43 -3.68
CA THR B 315 26.02 25.24 -4.04
C THR B 315 25.65 26.72 -4.13
N ASP B 316 26.62 27.58 -3.86
CA ASP B 316 26.36 29.02 -3.81
C ASP B 316 26.18 29.59 -5.23
N PRO B 317 25.30 30.59 -5.40
CA PRO B 317 25.11 31.19 -6.73
C PRO B 317 26.37 31.77 -7.37
N GLU B 318 27.41 32.09 -6.59
CA GLU B 318 28.68 32.60 -7.13
C GLU B 318 29.64 31.49 -7.56
N THR B 319 29.28 30.23 -7.34
CA THR B 319 30.13 29.10 -7.73
C THR B 319 29.81 28.70 -9.16
N LYS B 320 30.85 28.63 -9.99
CA LYS B 320 30.67 28.20 -11.37
C LYS B 320 30.44 26.69 -11.41
N VAL B 321 29.45 26.27 -12.18
CA VAL B 321 29.05 24.87 -12.21
C VAL B 321 28.76 24.45 -13.64
N GLY B 322 28.99 23.16 -13.92
CA GLY B 322 28.56 22.56 -15.16
C GLY B 322 27.65 21.38 -14.86
N TYR B 323 27.44 20.49 -15.82
CA TYR B 323 26.72 19.25 -15.59
C TYR B 323 27.54 18.10 -16.14
N GLY B 324 27.88 17.15 -15.28
CA GLY B 324 28.66 15.98 -15.66
C GLY B 324 27.79 14.78 -16.02
N LEU B 325 28.44 13.63 -16.10
CA LEU B 325 27.71 12.37 -16.29
C LEU B 325 27.35 11.86 -14.90
N GLY B 326 26.14 12.20 -14.43
CA GLY B 326 25.71 11.78 -13.12
C GLY B 326 25.11 12.86 -12.21
N GLY B 327 25.27 14.13 -12.54
CA GLY B 327 24.80 15.18 -11.66
C GLY B 327 25.45 16.52 -11.94
N LEU B 328 25.20 17.46 -11.03
CA LEU B 328 25.82 18.77 -11.07
C LEU B 328 27.31 18.65 -10.80
N LEU B 329 28.12 19.45 -11.51
CA LEU B 329 29.58 19.41 -11.39
C LEU B 329 30.10 20.80 -11.07
N THR B 330 30.74 20.97 -9.93
CA THR B 330 31.34 22.26 -9.64
C THR B 330 32.60 22.43 -10.48
N LEU B 331 32.90 23.68 -10.83
CA LEU B 331 34.01 23.99 -11.71
C LEU B 331 35.10 24.81 -11.03
N GLU B 332 34.96 25.11 -9.74
CA GLU B 332 36.02 25.75 -8.97
C GLU B 332 35.95 25.26 -7.53
N ASP B 333 37.10 25.36 -6.84
CA ASP B 333 37.15 25.05 -5.42
C ASP B 333 36.25 25.99 -4.61
N VAL B 334 35.71 25.47 -3.52
CA VAL B 334 35.23 26.25 -2.40
C VAL B 334 36.04 25.80 -1.19
N ASP B 335 36.92 26.67 -0.70
CA ASP B 335 37.82 26.29 0.38
C ASP B 335 37.02 25.88 1.61
N GLY B 336 37.41 24.76 2.21
CA GLY B 336 36.67 24.21 3.32
C GLY B 336 35.45 23.40 2.91
N TRP B 337 35.13 23.32 1.62
CA TRP B 337 33.97 22.56 1.16
C TRP B 337 34.31 22.04 -0.22
N TYR B 338 33.30 21.66 -1.00
CA TYR B 338 33.51 20.90 -2.23
C TYR B 338 34.70 21.42 -3.01
N GLY B 339 35.63 20.54 -3.33
CA GLY B 339 36.64 20.84 -4.30
C GLY B 339 36.06 20.92 -5.70
N GLU B 340 36.83 21.54 -6.60
CA GLU B 340 36.41 21.65 -7.99
C GLU B 340 36.19 20.26 -8.57
N ARG B 341 35.23 20.16 -9.49
CA ARG B 341 34.83 18.87 -10.08
C ARG B 341 34.23 17.93 -9.04
N THR B 342 33.61 18.48 -7.99
CA THR B 342 32.73 17.66 -7.17
C THR B 342 31.46 17.38 -7.97
N LEU B 343 31.08 16.11 -8.04
CA LEU B 343 29.80 15.71 -8.63
C LEU B 343 28.78 15.55 -7.50
N THR B 344 27.58 16.09 -7.70
CA THR B 344 26.55 16.08 -6.65
C THR B 344 25.16 16.12 -7.26
N TRP B 345 24.22 15.42 -6.62
CA TRP B 345 22.79 15.52 -6.92
C TRP B 345 22.02 15.02 -5.70
N GLY B 346 20.81 14.53 -5.91
CA GLY B 346 20.03 14.07 -4.78
C GLY B 346 18.75 13.40 -5.24
N GLY B 347 17.85 13.18 -4.26
CA GLY B 347 16.55 12.62 -4.53
C GLY B 347 15.49 13.35 -3.73
N GLY B 348 14.32 13.56 -4.33
CA GLY B 348 13.23 14.29 -3.71
C GLY B 348 13.67 15.62 -3.13
N LEU B 349 13.09 15.97 -1.99
CA LEU B 349 13.51 17.14 -1.23
C LEU B 349 14.37 16.76 -0.05
N THR B 350 14.62 15.48 0.18
CA THR B 350 15.16 14.99 1.44
C THR B 350 16.52 14.31 1.34
N LEU B 351 16.98 13.96 0.14
CA LEU B 351 18.20 13.18 -0.01
C LEU B 351 19.17 13.92 -0.91
N THR B 352 20.44 13.93 -0.52
CA THR B 352 21.47 14.54 -1.33
C THR B 352 22.76 13.72 -1.22
N TRP B 353 23.57 13.77 -2.26
CA TRP B 353 24.81 13.00 -2.26
C TRP B 353 25.88 13.81 -3.00
N PHE B 354 27.15 13.54 -2.68
CA PHE B 354 28.23 14.21 -3.37
C PHE B 354 29.44 13.27 -3.47
N ILE B 355 30.25 13.51 -4.49
CA ILE B 355 31.53 12.84 -4.67
C ILE B 355 32.56 13.92 -4.96
N ASP B 356 33.44 14.18 -3.98
CA ASP B 356 34.46 15.20 -4.06
C ASP B 356 35.81 14.49 -4.19
N ARG B 357 36.24 14.30 -5.45
CA ARG B 357 37.51 13.62 -5.72
C ARG B 357 38.71 14.47 -5.31
N LYS B 358 38.64 15.79 -5.51
CA LYS B 358 39.82 16.58 -5.21
C LYS B 358 40.16 16.50 -3.72
N ASN B 359 39.15 16.57 -2.86
CA ASN B 359 39.37 16.50 -1.42
C ASN B 359 39.21 15.11 -0.84
N ASN B 360 38.91 14.11 -1.66
CA ASN B 360 38.83 12.71 -1.21
C ASN B 360 37.73 12.54 -0.15
N LEU B 361 36.49 12.82 -0.55
CA LEU B 361 35.35 12.60 0.32
C LEU B 361 34.11 12.35 -0.50
N CYS B 362 33.25 11.44 -0.02
CA CYS B 362 31.93 11.27 -0.61
C CYS B 362 30.94 10.97 0.50
N GLY B 363 29.65 11.10 0.19
CA GLY B 363 28.65 10.87 1.21
C GLY B 363 27.25 11.04 0.66
N VAL B 364 26.31 10.43 1.38
CA VAL B 364 24.88 10.59 1.13
C VAL B 364 24.22 10.99 2.45
N GLY B 365 23.26 11.89 2.37
CA GLY B 365 22.43 12.27 3.49
C GLY B 365 20.99 12.13 3.09
N ALA B 366 20.22 11.34 3.85
CA ALA B 366 18.85 10.97 3.47
C ALA B 366 17.95 11.26 4.66
N ILE B 367 17.28 12.42 4.64
CA ILE B 367 16.34 12.77 5.70
C ILE B 367 15.11 11.88 5.55
N GLN B 368 14.60 11.38 6.67
CA GLN B 368 13.35 10.63 6.67
C GLN B 368 12.26 11.55 7.26
N ALA B 369 11.45 12.13 6.40
CA ALA B 369 10.56 13.23 6.78
C ALA B 369 9.16 12.74 7.11
N VAL B 370 8.37 13.66 7.68
CA VAL B 370 6.98 13.43 8.05
C VAL B 370 6.10 14.27 7.13
N LEU B 371 5.14 13.64 6.49
CA LEU B 371 4.11 14.35 5.70
C LEU B 371 3.21 15.23 6.58
N PRO B 372 2.94 16.46 6.13
CA PRO B 372 3.45 17.02 4.87
C PRO B 372 4.87 17.58 5.04
N VAL B 373 5.69 17.43 4.01
CA VAL B 373 7.11 17.71 4.12
C VAL B 373 7.37 19.21 4.09
N ASP B 374 8.02 19.71 5.13
CA ASP B 374 8.45 21.11 5.19
C ASP B 374 9.67 21.28 4.27
N GLY B 375 9.44 21.89 3.10
CA GLY B 375 10.50 22.00 2.10
C GLY B 375 11.66 22.90 2.50
N ASP B 376 11.37 24.05 3.11
CA ASP B 376 12.44 24.91 3.59
C ASP B 376 13.25 24.24 4.68
N LEU B 377 12.61 23.44 5.54
CA LEU B 377 13.35 22.73 6.57
C LEU B 377 14.26 21.68 5.96
N MET B 378 13.80 21.00 4.91
CA MET B 378 14.62 20.02 4.23
C MET B 378 15.90 20.65 3.69
N ALA B 379 15.80 21.79 2.99
CA ALA B 379 16.99 22.44 2.45
C ALA B 379 18.00 22.73 3.54
N ASP B 380 17.54 23.22 4.72
CA ASP B 380 18.47 23.47 5.82
C ASP B 380 19.10 22.18 6.35
N LEU B 381 18.29 21.14 6.54
CA LEU B 381 18.84 19.87 7.00
C LEU B 381 19.88 19.35 6.02
N LYS B 382 19.57 19.41 4.71
CA LYS B 382 20.54 18.92 3.72
C LYS B 382 21.81 19.76 3.76
N GLN B 383 21.68 21.09 3.89
CA GLN B 383 22.87 21.94 3.95
C GLN B 383 23.67 21.65 5.20
N THR B 384 23.00 21.38 6.32
CA THR B 384 23.72 21.04 7.55
C THR B 384 24.55 19.78 7.35
N PHE B 385 23.99 18.77 6.71
CA PHE B 385 24.77 17.57 6.43
C PHE B 385 25.96 17.91 5.54
N ARG B 386 25.70 18.63 4.44
CA ARG B 386 26.72 18.86 3.42
C ARG B 386 27.93 19.61 3.98
N HIS B 387 27.74 20.48 4.98
CA HIS B 387 28.85 21.21 5.57
C HIS B 387 29.42 20.56 6.83
N ASP B 388 28.57 20.00 7.71
CA ASP B 388 29.06 19.33 8.91
C ASP B 388 29.90 18.10 8.58
N ILE B 389 29.61 17.41 7.47
CA ILE B 389 30.43 16.26 7.13
C ILE B 389 31.86 16.68 6.83
N TYR B 390 32.04 17.88 6.25
CA TYR B 390 33.38 18.41 6.05
C TYR B 390 34.01 18.84 7.36
N ARG B 391 33.20 19.34 8.29
CA ARG B 391 33.72 19.70 9.62
C ARG B 391 34.24 18.47 10.33
N LYS B 392 33.48 17.37 10.31
CA LYS B 392 33.91 16.10 10.88
C LYS B 392 35.18 15.58 10.19
N TYR B 393 35.27 15.74 8.86
CA TYR B 393 36.44 15.28 8.13
C TYR B 393 37.70 16.06 8.55
N SER B 394 37.58 17.38 8.63
CA SER B 394 38.73 18.18 9.07
C SER B 394 39.16 17.81 10.48
N ALA B 395 38.20 17.72 11.41
CA ALA B 395 38.52 17.35 12.79
C ALA B 395 39.28 16.02 12.86
N TRP B 396 38.85 15.04 12.05
CA TRP B 396 39.55 13.77 11.98
C TRP B 396 40.96 13.91 11.39
N LYS B 397 41.07 14.60 10.24
CA LYS B 397 42.38 14.85 9.65
C LYS B 397 43.32 15.51 10.64
N GLY B 398 42.79 16.39 11.50
CA GLY B 398 43.61 17.02 12.51
C GLY B 398 44.19 16.06 13.52
N GLN B 399 43.59 14.87 13.67
CA GLN B 399 44.01 13.90 14.67
C GLN B 399 44.97 12.84 14.14
N GLN B 400 45.33 12.89 12.86
CA GLN B 400 46.21 11.89 12.26
C GLN B 400 47.68 12.32 12.31
#